data_9MK9
#
_entry.id   9MK9
#
_cell.length_a   1.00
_cell.length_b   1.00
_cell.length_c   1.00
_cell.angle_alpha   90.00
_cell.angle_beta   90.00
_cell.angle_gamma   90.00
#
_symmetry.space_group_name_H-M   'P 1'
#
loop_
_entity.id
_entity.type
_entity.pdbx_description
1 polymer 'Interferon-induced protein with tetratricopeptide repeats 2'
2 polymer 'Interferon-induced protein with tetratricopeptide repeats 3'
#
loop_
_entity_poly.entity_id
_entity_poly.type
_entity_poly.pdbx_seq_one_letter_code
_entity_poly.pdbx_strand_id
1 'polypeptide(L)'
;ESLVCNLRQLKCHFTWNLIAEDESLDEFEDRVFNKDEFQNSEFKATMCNILAYVKHCRGLNEAALQCLGEAEGFIQQQHP
DQVEIRSLVTWGNYAWVYYHMGQFSKAQAYLDKVKQVCKKFSSPYRIENPALDCEEGWARLKCTKNQNERVKVCFQKALE
KDPKNPEFTSGWAIANYRLDDWPARNYCIDSLEQAIQLSPDNTYVKVLLALKLDAVHKNQAMALVEEALKKDPSAIDTLL
RAARFYCKVYDTDRAIQLLRKALEKLPNNAYVHYYMGCCYRSKVHHMLNRREMVFSGDRKKLEELIQLAVNHLRKAEEIK
EMLEYSCSFLADLYIIAKKYDEADYYFQKELSKDLPPGPKQLLHLRYGNFQFFQMKRQDKAIYHYMEGVKIKKKTIPQKK
MREKLQRIALRRLHEDESDSEALHILAFLQENGGGQQADK
;
A
2 'polypeptide(L)'
;SLEAILPQLKCHFTWNLFREGSMSSHMEDRVCNQVEHLNSEEKATMYDLLAYIKHLDGESKAALECLGQAEDLRKSEHND
QSEIRRLVTWGNYAWIYYHMGRLSEAQAYVDKVRQVCQKFANPYSMECPELECEEGWTRLKCGRNERAKMCFEKALEEKP
KDPECSSGMAIAMFRLEEKPEKQFSVDALKQAMELNPQNQYLKVLLALKLLRMGEEAEGERLIKDALGKAPNQTDVLQKA
AQFYKKKGNLDRAIELLGKALRSTVNNSPLYSLVMCRYREILEQLQNKGDADSSERRQRMAELRRLTMEFMQKTLQRRRS
PLNSYSDLIDFPEVERCYQMVISKESPDVEEEDLYERYCNLQEYHRKSEDLAALECLLQFPR
;
B
#
# COMPACT_ATOMS: atom_id res chain seq x y z
N GLU A 1 -27.80 -28.98 -3.80
CA GLU A 1 -28.09 -29.52 -2.48
C GLU A 1 -27.79 -28.49 -1.40
N SER A 2 -28.49 -28.58 -0.27
CA SER A 2 -28.29 -27.63 0.82
C SER A 2 -26.93 -27.77 1.47
N LEU A 3 -26.26 -28.92 1.31
CA LEU A 3 -24.97 -29.12 1.94
C LEU A 3 -23.94 -28.14 1.40
N VAL A 4 -23.86 -28.00 0.07
CA VAL A 4 -22.90 -27.07 -0.50
C VAL A 4 -23.28 -25.63 -0.18
N CYS A 5 -24.58 -25.34 -0.11
CA CYS A 5 -25.00 -23.99 0.25
C CYS A 5 -24.55 -23.63 1.66
N ASN A 6 -24.64 -24.58 2.58
CA ASN A 6 -24.12 -24.35 3.93
C ASN A 6 -22.60 -24.26 3.92
N LEU A 7 -21.94 -25.10 3.14
CA LEU A 7 -20.48 -25.14 3.14
C LEU A 7 -19.89 -23.85 2.59
N ARG A 8 -20.60 -23.18 1.69
CA ARG A 8 -20.10 -21.92 1.15
C ARG A 8 -19.95 -20.84 2.22
N GLN A 9 -20.71 -20.92 3.30
CA GLN A 9 -20.69 -19.86 4.30
C GLN A 9 -19.54 -20.00 5.29
N LEU A 10 -18.88 -21.15 5.35
CA LEU A 10 -17.77 -21.32 6.27
C LEU A 10 -16.57 -20.49 5.84
N LYS A 11 -15.69 -20.21 6.80
CA LYS A 11 -14.41 -19.58 6.54
C LYS A 11 -13.30 -20.56 6.88
N CYS A 12 -12.43 -20.83 5.92
CA CYS A 12 -11.37 -21.83 6.03
C CYS A 12 -10.39 -21.57 4.89
N HIS A 13 -9.44 -22.49 4.71
CA HIS A 13 -8.44 -22.29 3.66
C HIS A 13 -9.03 -22.46 2.27
N PHE A 14 -10.05 -23.31 2.12
CA PHE A 14 -10.64 -23.53 0.80
C PHE A 14 -11.32 -22.27 0.28
N THR A 15 -12.03 -21.54 1.14
CA THR A 15 -12.75 -20.35 0.72
C THR A 15 -11.83 -19.16 0.50
N TRP A 16 -10.72 -19.08 1.24
CA TRP A 16 -9.86 -17.91 1.19
C TRP A 16 -9.19 -17.70 -0.16
N ASN A 17 -9.22 -18.71 -1.04
CA ASN A 17 -8.68 -18.61 -2.40
C ASN A 17 -7.19 -18.28 -2.36
N LEU A 18 -6.43 -19.21 -1.81
CA LEU A 18 -5.00 -18.97 -1.58
C LEU A 18 -4.22 -18.85 -2.87
N ILE A 19 -4.38 -19.82 -3.77
CA ILE A 19 -3.58 -19.88 -4.99
C ILE A 19 -4.31 -19.11 -6.09
N ALA A 20 -3.56 -18.26 -6.79
CA ALA A 20 -4.12 -17.47 -7.88
C ALA A 20 -3.01 -17.03 -8.81
N GLU A 21 -3.25 -17.17 -10.11
CA GLU A 21 -2.30 -16.76 -11.15
C GLU A 21 -0.96 -17.48 -11.00
N ASP A 22 -0.99 -18.71 -10.50
CA ASP A 22 0.18 -19.57 -10.43
C ASP A 22 0.05 -20.62 -11.52
N GLU A 23 1.04 -20.69 -12.40
CA GLU A 23 0.94 -21.55 -13.58
C GLU A 23 0.85 -23.03 -13.22
N SER A 24 1.30 -23.42 -12.03
CA SER A 24 1.23 -24.80 -11.61
C SER A 24 1.22 -24.88 -10.10
N LEU A 25 0.78 -26.03 -9.59
CA LEU A 25 0.87 -26.29 -8.16
C LEU A 25 2.31 -26.50 -7.73
N ASP A 26 3.17 -26.97 -8.66
CA ASP A 26 4.57 -27.16 -8.34
C ASP A 26 5.24 -25.84 -7.97
N GLU A 27 4.96 -24.78 -8.73
CA GLU A 27 5.53 -23.48 -8.39
C GLU A 27 5.05 -23.00 -7.03
N PHE A 28 3.75 -23.19 -6.73
CA PHE A 28 3.22 -22.79 -5.43
C PHE A 28 3.93 -23.50 -4.30
N GLU A 29 3.99 -24.84 -4.37
CA GLU A 29 4.61 -25.58 -3.28
C GLU A 29 6.08 -25.25 -3.15
N ASP A 30 6.78 -25.10 -4.27
CA ASP A 30 8.21 -24.75 -4.21
C ASP A 30 8.41 -23.40 -3.55
N ARG A 31 7.68 -22.38 -4.00
CA ARG A 31 7.86 -21.04 -3.46
C ARG A 31 7.45 -20.94 -2.00
N VAL A 32 6.48 -21.74 -1.57
CA VAL A 32 6.01 -21.64 -0.20
C VAL A 32 6.90 -22.44 0.75
N PHE A 33 7.38 -23.60 0.33
CA PHE A 33 8.15 -24.48 1.21
C PHE A 33 9.66 -24.37 0.98
N ASN A 34 10.12 -24.65 -0.24
CA ASN A 34 11.56 -24.75 -0.45
C ASN A 34 12.27 -23.40 -0.46
N LYS A 35 11.66 -22.39 -1.10
CA LYS A 35 12.38 -21.14 -1.32
C LYS A 35 12.59 -20.40 0.00
N ASP A 36 11.52 -20.06 0.71
CA ASP A 36 11.64 -19.53 2.07
C ASP A 36 11.56 -20.68 3.07
N GLU A 37 12.47 -21.64 2.89
CA GLU A 37 12.55 -22.79 3.79
C GLU A 37 12.76 -22.37 5.22
N PHE A 38 13.34 -21.18 5.43
CA PHE A 38 13.58 -20.72 6.79
C PHE A 38 12.29 -20.59 7.60
N GLN A 39 11.39 -19.68 7.19
CA GLN A 39 10.34 -19.17 8.09
C GLN A 39 9.72 -20.25 8.97
N ASN A 40 9.37 -21.40 8.40
CA ASN A 40 8.57 -22.40 9.10
C ASN A 40 7.31 -21.69 9.59
N SER A 41 7.00 -21.70 10.88
CA SER A 41 5.79 -21.02 11.37
C SER A 41 5.87 -20.81 12.87
N GLU A 42 5.42 -19.64 13.32
CA GLU A 42 5.24 -19.41 14.76
C GLU A 42 4.11 -20.27 15.31
N PHE A 43 3.02 -20.40 14.56
CA PHE A 43 1.85 -21.20 14.93
C PHE A 43 1.87 -22.45 14.06
N LYS A 44 2.17 -23.60 14.66
CA LYS A 44 2.48 -24.80 13.90
C LYS A 44 1.29 -25.33 13.10
N ALA A 45 0.07 -24.86 13.37
CA ALA A 45 -1.09 -25.41 12.69
C ALA A 45 -1.21 -24.93 11.24
N THR A 46 -0.62 -23.76 10.92
CA THR A 46 -0.77 -23.22 9.56
C THR A 46 -0.12 -24.12 8.52
N MET A 47 1.08 -24.61 8.82
CA MET A 47 1.81 -25.43 7.85
C MET A 47 1.04 -26.71 7.52
N CYS A 48 0.49 -27.37 8.53
CA CYS A 48 -0.25 -28.61 8.28
C CYS A 48 -1.51 -28.34 7.46
N ASN A 49 -2.21 -27.24 7.74
CA ASN A 49 -3.42 -26.92 6.97
C ASN A 49 -3.07 -26.63 5.51
N ILE A 50 -2.01 -25.86 5.28
CA ILE A 50 -1.60 -25.55 3.91
C ILE A 50 -1.20 -26.83 3.18
N LEU A 51 -0.44 -27.70 3.86
CA LEU A 51 -0.03 -28.95 3.24
C LEU A 51 -1.23 -29.84 2.92
N ALA A 52 -2.22 -29.87 3.81
CA ALA A 52 -3.41 -30.67 3.55
C ALA A 52 -4.18 -30.14 2.35
N TYR A 53 -4.30 -28.81 2.23
CA TYR A 53 -4.98 -28.25 1.07
C TYR A 53 -4.25 -28.59 -0.22
N VAL A 54 -2.92 -28.48 -0.21
CA VAL A 54 -2.15 -28.82 -1.41
C VAL A 54 -2.31 -30.30 -1.73
N LYS A 55 -2.28 -31.16 -0.71
CA LYS A 55 -2.44 -32.60 -0.93
C LYS A 55 -3.79 -32.92 -1.55
N HIS A 56 -4.86 -32.28 -1.07
CA HIS A 56 -6.16 -32.48 -1.68
C HIS A 56 -6.17 -32.01 -3.13
N CYS A 57 -5.55 -30.84 -3.39
CA CYS A 57 -5.51 -30.35 -4.77
C CYS A 57 -4.73 -31.31 -5.67
N ARG A 58 -3.77 -32.05 -5.10
CA ARG A 58 -3.07 -33.05 -5.89
C ARG A 58 -3.99 -34.20 -6.29
N GLY A 59 -4.80 -34.68 -5.36
CA GLY A 59 -5.71 -35.78 -5.65
C GLY A 59 -5.76 -36.84 -4.56
N LEU A 60 -4.97 -36.64 -3.51
CA LEU A 60 -4.89 -37.59 -2.41
C LEU A 60 -5.58 -36.99 -1.18
N ASN A 61 -6.43 -37.79 -0.53
CA ASN A 61 -7.22 -37.30 0.59
C ASN A 61 -6.80 -37.87 1.94
N GLU A 62 -6.28 -39.11 1.97
CA GLU A 62 -5.86 -39.69 3.25
C GLU A 62 -4.69 -38.92 3.85
N ALA A 63 -3.74 -38.49 3.00
CA ALA A 63 -2.66 -37.65 3.48
C ALA A 63 -3.19 -36.34 4.04
N ALA A 64 -4.22 -35.77 3.40
CA ALA A 64 -4.84 -34.56 3.93
C ALA A 64 -5.44 -34.80 5.30
N LEU A 65 -6.12 -35.93 5.48
CA LEU A 65 -6.69 -36.25 6.80
C LEU A 65 -5.59 -36.38 7.85
N GLN A 66 -4.49 -37.04 7.49
CA GLN A 66 -3.38 -37.19 8.43
C GLN A 66 -2.79 -35.84 8.82
N CYS A 67 -2.56 -34.97 7.82
CA CYS A 67 -2.01 -33.65 8.12
C CYS A 67 -2.95 -32.85 9.00
N LEU A 68 -4.25 -32.92 8.73
CA LEU A 68 -5.20 -32.17 9.55
C LEU A 68 -5.23 -32.71 10.98
N GLY A 69 -5.11 -34.03 11.15
CA GLY A 69 -5.00 -34.58 12.49
C GLY A 69 -3.78 -34.09 13.23
N GLU A 70 -2.64 -34.01 12.53
CA GLU A 70 -1.44 -33.44 13.15
C GLU A 70 -1.65 -31.99 13.54
N ALA A 71 -2.34 -31.22 12.69
CA ALA A 71 -2.62 -29.83 13.00
C ALA A 71 -3.45 -29.71 14.27
N GLU A 72 -4.50 -30.54 14.40
CA GLU A 72 -5.31 -30.51 15.60
C GLU A 72 -4.50 -30.92 16.82
N GLY A 73 -3.62 -31.91 16.67
CA GLY A 73 -2.75 -32.29 17.77
C GLY A 73 -1.87 -31.15 18.25
N PHE A 74 -1.28 -30.41 17.31
CA PHE A 74 -0.46 -29.26 17.69
C PHE A 74 -1.30 -28.19 18.37
N ILE A 75 -2.51 -27.95 17.87
CA ILE A 75 -3.39 -26.96 18.49
C ILE A 75 -3.68 -27.32 19.94
N GLN A 76 -4.00 -28.60 20.18
CA GLN A 76 -4.23 -29.04 21.56
C GLN A 76 -2.96 -28.92 22.39
N GLN A 77 -1.80 -29.18 21.79
CA GLN A 77 -0.54 -29.11 22.51
C GLN A 77 -0.25 -27.70 23.01
N GLN A 78 -0.48 -26.70 22.14
CA GLN A 78 -0.01 -25.35 22.47
C GLN A 78 -0.96 -24.64 23.44
N HIS A 79 -2.21 -24.44 23.04
CA HIS A 79 -3.15 -23.63 23.82
C HIS A 79 -4.24 -24.50 24.42
N PRO A 80 -4.19 -24.82 25.71
CA PRO A 80 -5.24 -25.63 26.32
C PRO A 80 -6.48 -24.83 26.68
N ASP A 81 -6.30 -23.56 27.03
CA ASP A 81 -7.41 -22.75 27.51
C ASP A 81 -8.38 -22.40 26.38
N GLN A 82 -7.86 -22.02 25.23
CA GLN A 82 -8.67 -21.56 24.09
C GLN A 82 -8.80 -22.63 23.01
N VAL A 83 -8.90 -23.90 23.41
CA VAL A 83 -8.91 -24.99 22.45
C VAL A 83 -10.16 -24.94 21.58
N GLU A 84 -11.25 -24.40 22.11
CA GLU A 84 -12.49 -24.35 21.33
C GLU A 84 -12.43 -23.31 20.22
N ILE A 85 -11.92 -22.12 20.51
CA ILE A 85 -11.87 -21.06 19.51
C ILE A 85 -10.85 -21.40 18.43
N ARG A 86 -9.68 -21.90 18.82
CA ARG A 86 -8.58 -22.07 17.87
C ARG A 86 -8.81 -23.24 16.92
N SER A 87 -9.76 -24.12 17.21
CA SER A 87 -9.97 -25.32 16.39
C SER A 87 -11.02 -25.12 15.32
N LEU A 88 -11.41 -23.87 15.03
CA LEU A 88 -12.58 -23.64 14.20
C LEU A 88 -12.30 -23.86 12.72
N VAL A 89 -11.10 -23.50 12.24
CA VAL A 89 -10.79 -23.65 10.82
C VAL A 89 -10.62 -25.13 10.45
N THR A 90 -9.94 -25.89 11.32
CA THR A 90 -9.66 -27.29 11.00
C THR A 90 -10.95 -28.09 10.86
N TRP A 91 -11.99 -27.72 11.61
CA TRP A 91 -13.27 -28.38 11.44
C TRP A 91 -13.87 -28.11 10.07
N GLY A 92 -13.72 -26.88 9.57
CA GLY A 92 -14.13 -26.60 8.20
C GLY A 92 -13.35 -27.40 7.18
N ASN A 93 -12.06 -27.59 7.42
CA ASN A 93 -11.26 -28.42 6.51
C ASN A 93 -11.72 -29.87 6.51
N TYR A 94 -11.99 -30.43 7.69
CA TYR A 94 -12.63 -31.75 7.75
C TYR A 94 -13.92 -31.78 6.95
N ALA A 95 -14.78 -30.79 7.13
CA ALA A 95 -16.07 -30.82 6.42
C ALA A 95 -15.87 -30.83 4.92
N TRP A 96 -14.99 -29.96 4.42
CA TRP A 96 -14.77 -29.87 2.97
C TRP A 96 -14.18 -31.17 2.43
N VAL A 97 -13.15 -31.71 3.11
CA VAL A 97 -12.50 -32.92 2.61
C VAL A 97 -13.46 -34.09 2.62
N TYR A 98 -14.23 -34.25 3.70
CA TYR A 98 -15.18 -35.36 3.77
C TYR A 98 -16.26 -35.23 2.71
N TYR A 99 -16.75 -34.02 2.47
CA TYR A 99 -17.74 -33.82 1.42
C TYR A 99 -17.16 -34.18 0.06
N HIS A 100 -15.90 -33.84 -0.18
CA HIS A 100 -15.26 -34.21 -1.44
C HIS A 100 -15.14 -35.72 -1.57
N MET A 101 -14.82 -36.40 -0.46
CA MET A 101 -14.73 -37.86 -0.50
C MET A 101 -16.09 -38.51 -0.69
N GLY A 102 -17.08 -38.10 0.10
CA GLY A 102 -18.43 -38.63 0.00
C GLY A 102 -19.10 -38.96 1.32
N GLN A 103 -18.38 -39.05 2.44
CA GLN A 103 -18.99 -39.38 3.73
C GLN A 103 -19.70 -38.14 4.24
N PHE A 104 -21.00 -38.04 3.93
CA PHE A 104 -21.74 -36.83 4.26
C PHE A 104 -22.08 -36.73 5.75
N SER A 105 -22.17 -37.86 6.44
CA SER A 105 -22.54 -37.82 7.85
C SER A 105 -21.49 -37.08 8.68
N LYS A 106 -20.21 -37.36 8.45
CA LYS A 106 -19.16 -36.66 9.18
C LYS A 106 -19.15 -35.17 8.86
N ALA A 107 -19.37 -34.82 7.59
CA ALA A 107 -19.44 -33.41 7.21
C ALA A 107 -20.57 -32.72 7.95
N GLN A 108 -21.73 -33.36 8.02
CA GLN A 108 -22.86 -32.78 8.74
C GLN A 108 -22.54 -32.63 10.23
N ALA A 109 -21.88 -33.62 10.83
CA ALA A 109 -21.54 -33.54 12.24
C ALA A 109 -20.58 -32.39 12.53
N TYR A 110 -19.57 -32.22 11.68
CA TYR A 110 -18.63 -31.12 11.89
C TYR A 110 -19.30 -29.77 11.68
N LEU A 111 -20.23 -29.71 10.72
CA LEU A 111 -21.01 -28.49 10.53
C LEU A 111 -21.80 -28.16 11.78
N ASP A 112 -22.42 -29.17 12.40
CA ASP A 112 -23.17 -28.95 13.63
C ASP A 112 -22.25 -28.47 14.76
N LYS A 113 -21.05 -29.04 14.86
CA LYS A 113 -20.11 -28.59 15.89
C LYS A 113 -19.74 -27.11 15.70
N VAL A 114 -19.44 -26.74 14.46
CA VAL A 114 -19.11 -25.35 14.17
C VAL A 114 -20.28 -24.44 14.50
N LYS A 115 -21.50 -24.87 14.16
CA LYS A 115 -22.67 -24.06 14.45
C LYS A 115 -22.86 -23.87 15.94
N GLN A 116 -22.64 -24.93 16.73
CA GLN A 116 -22.79 -24.82 18.17
C GLN A 116 -21.78 -23.82 18.75
N VAL A 117 -20.52 -23.92 18.33
CA VAL A 117 -19.51 -23.00 18.86
C VAL A 117 -19.84 -21.57 18.47
N CYS A 118 -20.22 -21.35 17.21
CA CYS A 118 -20.55 -20.00 16.77
C CYS A 118 -21.74 -19.44 17.53
N LYS A 119 -22.78 -20.26 17.74
CA LYS A 119 -23.96 -19.78 18.46
C LYS A 119 -23.62 -19.45 19.90
N LYS A 120 -22.75 -20.24 20.54
CA LYS A 120 -22.41 -19.96 21.93
C LYS A 120 -21.57 -18.69 22.06
N PHE A 121 -20.67 -18.43 21.11
CA PHE A 121 -19.75 -17.29 21.23
C PHE A 121 -20.13 -16.07 20.39
N SER A 122 -21.24 -16.10 19.65
CA SER A 122 -21.56 -14.97 18.79
C SER A 122 -22.13 -13.80 19.59
N SER A 123 -22.15 -12.62 18.96
CA SER A 123 -22.73 -11.40 19.50
C SER A 123 -24.05 -11.08 18.79
N PRO A 124 -25.05 -10.61 19.55
CA PRO A 124 -26.38 -10.42 18.94
C PRO A 124 -26.50 -9.20 18.04
N TYR A 125 -25.57 -8.25 18.09
CA TYR A 125 -25.71 -7.00 17.37
C TYR A 125 -24.86 -6.89 16.12
N ARG A 126 -23.70 -7.54 16.09
CA ARG A 126 -22.79 -7.43 14.95
C ARG A 126 -23.25 -8.29 13.78
N ILE A 127 -22.83 -7.90 12.58
CA ILE A 127 -23.16 -8.61 11.35
C ILE A 127 -22.05 -8.34 10.34
N GLU A 128 -21.86 -9.28 9.41
CA GLU A 128 -20.85 -9.16 8.36
C GLU A 128 -21.53 -9.27 7.01
N ASN A 129 -21.33 -8.26 6.16
CA ASN A 129 -22.05 -8.14 4.90
C ASN A 129 -21.35 -7.04 4.10
N PRO A 130 -21.01 -7.31 2.83
CA PRO A 130 -20.16 -6.35 2.10
C PRO A 130 -20.73 -4.95 1.93
N ALA A 131 -22.03 -4.75 2.11
CA ALA A 131 -22.57 -3.39 2.05
C ALA A 131 -21.95 -2.52 3.14
N LEU A 132 -21.85 -3.05 4.36
CA LEU A 132 -21.20 -2.30 5.44
C LEU A 132 -19.70 -2.16 5.17
N ASP A 133 -19.09 -3.18 4.57
CA ASP A 133 -17.67 -3.09 4.21
C ASP A 133 -17.42 -2.07 3.12
N CYS A 134 -18.47 -1.62 2.42
CA CYS A 134 -18.34 -0.54 1.45
C CYS A 134 -18.60 0.83 2.09
N GLU A 135 -19.62 0.93 2.94
CA GLU A 135 -19.85 2.17 3.68
C GLU A 135 -18.64 2.55 4.51
N GLU A 136 -18.06 1.58 5.21
CA GLU A 136 -16.75 1.75 5.82
C GLU A 136 -15.73 1.65 4.70
N GLY A 137 -15.13 2.77 4.35
CA GLY A 137 -14.32 2.88 3.16
C GLY A 137 -14.77 4.04 2.30
N TRP A 138 -16.08 4.22 2.09
CA TRP A 138 -16.48 5.54 1.63
C TRP A 138 -16.36 6.57 2.74
N ALA A 139 -16.47 6.16 4.00
CA ALA A 139 -16.12 7.07 5.09
C ALA A 139 -14.62 7.36 5.09
N ARG A 140 -13.81 6.33 4.90
CA ARG A 140 -12.35 6.49 4.98
C ARG A 140 -11.81 7.37 3.88
N LEU A 141 -12.30 7.23 2.64
CA LEU A 141 -11.80 8.08 1.56
C LEU A 141 -11.88 9.56 1.91
N LYS A 142 -13.01 9.99 2.47
CA LYS A 142 -13.15 11.41 2.82
C LYS A 142 -12.36 11.75 4.07
N CYS A 143 -12.30 10.84 5.05
CA CYS A 143 -11.69 11.23 6.31
C CYS A 143 -10.17 11.04 6.34
N THR A 144 -9.60 10.20 5.49
CA THR A 144 -8.19 9.86 5.62
C THR A 144 -7.29 10.99 5.09
N LYS A 145 -6.01 10.91 5.47
CA LYS A 145 -4.99 11.87 5.01
C LYS A 145 -3.95 11.22 4.12
N ASN A 146 -3.16 10.28 4.65
CA ASN A 146 -2.10 9.63 3.88
C ASN A 146 -2.10 8.12 3.98
N GLN A 147 -2.91 7.51 4.84
CA GLN A 147 -2.95 6.06 5.02
C GLN A 147 -4.15 5.52 4.25
N ASN A 148 -3.90 5.10 3.00
CA ASN A 148 -4.93 4.54 2.14
C ASN A 148 -4.88 3.02 2.07
N GLU A 149 -4.15 2.37 2.98
CA GLU A 149 -3.98 0.93 2.87
C GLU A 149 -5.21 0.16 3.34
N ARG A 150 -5.93 0.66 4.36
CA ARG A 150 -7.11 -0.07 4.79
C ARG A 150 -8.31 0.17 3.89
N VAL A 151 -8.34 1.31 3.20
CA VAL A 151 -9.39 1.56 2.22
C VAL A 151 -9.37 0.48 1.13
N LYS A 152 -8.18 0.15 0.63
CA LYS A 152 -8.07 -0.83 -0.44
C LYS A 152 -8.50 -2.21 0.04
N VAL A 153 -8.15 -2.59 1.26
CA VAL A 153 -8.56 -3.89 1.78
C VAL A 153 -10.08 -3.95 1.97
N CYS A 154 -10.66 -2.88 2.52
CA CYS A 154 -12.10 -2.83 2.70
C CYS A 154 -12.82 -2.97 1.37
N PHE A 155 -12.27 -2.37 0.31
CA PHE A 155 -12.91 -2.51 -1.00
C PHE A 155 -12.63 -3.87 -1.64
N GLN A 156 -11.46 -4.47 -1.39
CA GLN A 156 -11.19 -5.80 -1.95
C GLN A 156 -12.13 -6.83 -1.37
N LYS A 157 -12.44 -6.74 -0.08
CA LYS A 157 -13.37 -7.71 0.50
C LYS A 157 -14.72 -7.68 -0.21
N ALA A 158 -15.28 -6.48 -0.38
CA ALA A 158 -16.56 -6.33 -1.04
C ALA A 158 -16.51 -6.75 -2.50
N LEU A 159 -15.42 -6.39 -3.20
CA LEU A 159 -15.29 -6.78 -4.60
C LEU A 159 -15.18 -8.28 -4.76
N GLU A 160 -14.43 -8.94 -3.86
CA GLU A 160 -14.30 -10.38 -3.88
C GLU A 160 -15.63 -11.06 -3.62
N LYS A 161 -16.42 -10.54 -2.68
CA LYS A 161 -17.68 -11.19 -2.36
C LYS A 161 -18.68 -11.09 -3.50
N ASP A 162 -18.65 -9.99 -4.25
CA ASP A 162 -19.58 -9.78 -5.38
C ASP A 162 -18.87 -8.94 -6.43
N PRO A 163 -18.37 -9.55 -7.50
CA PRO A 163 -17.60 -8.81 -8.50
C PRO A 163 -18.51 -8.14 -9.53
N LYS A 164 -17.88 -7.43 -10.46
CA LYS A 164 -18.57 -6.74 -11.56
C LYS A 164 -19.62 -5.75 -11.04
N ASN A 165 -19.29 -5.05 -9.96
CA ASN A 165 -20.16 -4.03 -9.40
C ASN A 165 -19.52 -2.67 -9.59
N PRO A 166 -20.19 -1.70 -10.22
CA PRO A 166 -19.51 -0.44 -10.57
C PRO A 166 -18.98 0.32 -9.36
N GLU A 167 -19.71 0.33 -8.25
CA GLU A 167 -19.33 1.13 -7.08
C GLU A 167 -18.05 0.59 -6.45
N PHE A 168 -18.00 -0.71 -6.20
CA PHE A 168 -16.82 -1.33 -5.61
C PHE A 168 -15.61 -1.14 -6.52
N THR A 169 -15.81 -1.29 -7.83
CA THR A 169 -14.71 -1.13 -8.78
C THR A 169 -14.17 0.29 -8.76
N SER A 170 -15.05 1.29 -8.70
CA SER A 170 -14.61 2.68 -8.64
C SER A 170 -13.81 2.94 -7.38
N GLY A 171 -14.30 2.44 -6.24
CA GLY A 171 -13.57 2.63 -5.00
C GLY A 171 -12.19 1.99 -5.03
N TRP A 172 -12.11 0.76 -5.55
CA TRP A 172 -10.83 0.07 -5.65
C TRP A 172 -9.86 0.81 -6.56
N ALA A 173 -10.36 1.31 -7.69
CA ALA A 173 -9.48 2.05 -8.61
C ALA A 173 -8.96 3.33 -7.97
N ILE A 174 -9.82 4.06 -7.26
CA ILE A 174 -9.37 5.29 -6.61
C ILE A 174 -8.31 4.98 -5.55
N ALA A 175 -8.53 3.93 -4.76
CA ALA A 175 -7.55 3.57 -3.74
C ALA A 175 -6.21 3.20 -4.38
N ASN A 176 -6.24 2.43 -5.48
CA ASN A 176 -5.00 2.07 -6.15
C ASN A 176 -4.27 3.30 -6.68
N TYR A 177 -5.01 4.25 -7.26
CA TYR A 177 -4.38 5.46 -7.75
C TYR A 177 -3.70 6.24 -6.63
N ARG A 178 -4.41 6.40 -5.51
CA ARG A 178 -3.85 7.17 -4.41
C ARG A 178 -2.61 6.49 -3.84
N LEU A 179 -2.63 5.16 -3.74
CA LEU A 179 -1.46 4.43 -3.25
C LEU A 179 -0.29 4.52 -4.23
N ASP A 180 -0.57 4.49 -5.53
CA ASP A 180 0.51 4.59 -6.51
C ASP A 180 1.15 5.97 -6.47
N ASP A 181 0.34 7.03 -6.33
CA ASP A 181 0.88 8.38 -6.36
C ASP A 181 1.85 8.63 -5.20
N TRP A 182 1.41 8.34 -3.98
CA TRP A 182 2.24 8.53 -2.78
C TRP A 182 2.33 7.20 -2.04
N PRO A 183 3.46 6.51 -2.13
CA PRO A 183 3.59 5.21 -1.46
C PRO A 183 3.60 5.36 0.05
N ALA A 184 3.12 4.31 0.72
CA ALA A 184 3.14 4.28 2.17
C ALA A 184 4.56 4.07 2.69
N ARG A 185 4.92 4.82 3.72
CA ARG A 185 6.25 4.75 4.32
C ARG A 185 6.15 3.99 5.64
N ASN A 186 6.95 2.94 5.77
CA ASN A 186 6.96 2.09 6.96
C ASN A 186 8.39 1.84 7.43
N TYR A 187 8.56 1.70 8.73
CA TYR A 187 9.87 1.55 9.36
C TYR A 187 9.80 0.42 10.38
N CYS A 188 10.73 -0.53 10.27
CA CYS A 188 10.69 -1.74 11.07
C CYS A 188 11.44 -1.63 12.39
N ILE A 189 12.17 -0.53 12.62
CA ILE A 189 13.06 -0.47 13.77
C ILE A 189 12.27 -0.45 15.09
N ASP A 190 11.26 0.41 15.18
CA ASP A 190 10.50 0.53 16.42
C ASP A 190 9.66 -0.72 16.67
N SER A 191 9.02 -1.23 15.64
CA SER A 191 8.22 -2.44 15.78
C SER A 191 9.09 -3.63 16.21
N LEU A 192 10.27 -3.74 15.62
CA LEU A 192 11.17 -4.84 15.98
C LEU A 192 11.65 -4.71 17.42
N GLU A 193 12.02 -3.50 17.84
CA GLU A 193 12.44 -3.32 19.23
C GLU A 193 11.33 -3.66 20.20
N GLN A 194 10.10 -3.21 19.91
CA GLN A 194 8.98 -3.53 20.79
C GLN A 194 8.71 -5.03 20.82
N ALA A 195 8.78 -5.69 19.66
CA ALA A 195 8.53 -7.12 19.61
C ALA A 195 9.55 -7.88 20.43
N ILE A 196 10.81 -7.43 20.40
CA ILE A 196 11.83 -8.09 21.21
C ILE A 196 11.58 -7.85 22.70
N GLN A 197 11.27 -6.61 23.09
CA GLN A 197 11.16 -6.33 24.52
C GLN A 197 9.92 -6.99 25.13
N LEU A 198 8.83 -7.13 24.36
CA LEU A 198 7.63 -7.75 24.90
C LEU A 198 7.82 -9.25 25.13
N SER A 199 8.38 -9.95 24.15
CA SER A 199 8.49 -11.41 24.26
C SER A 199 9.88 -11.89 23.91
N PRO A 200 10.75 -12.11 24.89
CA PRO A 200 12.09 -12.66 24.59
C PRO A 200 12.01 -14.11 24.12
N ASP A 201 13.17 -14.71 23.88
CA ASP A 201 13.28 -16.13 23.54
C ASP A 201 12.60 -16.38 22.19
N ASN A 202 12.50 -15.34 21.36
CA ASN A 202 11.96 -15.52 20.02
C ASN A 202 13.06 -15.92 19.04
N THR A 203 14.29 -15.45 19.29
CA THR A 203 15.53 -15.83 18.58
C THR A 203 15.39 -15.74 17.06
N TYR A 204 14.41 -15.00 16.57
CA TYR A 204 14.29 -14.67 15.15
C TYR A 204 14.27 -13.18 14.89
N VAL A 205 13.37 -12.45 15.54
CA VAL A 205 13.32 -11.00 15.38
C VAL A 205 14.64 -10.37 15.79
N LYS A 206 15.40 -11.04 16.66
CA LYS A 206 16.74 -10.57 16.99
C LYS A 206 17.61 -10.51 15.73
N VAL A 207 17.60 -11.59 14.95
CA VAL A 207 18.43 -11.65 13.75
C VAL A 207 17.92 -10.67 12.70
N LEU A 208 16.59 -10.56 12.56
CA LEU A 208 16.05 -9.57 11.64
C LEU A 208 16.45 -8.15 12.03
N LEU A 209 16.41 -7.84 13.33
CA LEU A 209 16.81 -6.50 13.78
C LEU A 209 18.27 -6.24 13.50
N ALA A 210 19.10 -7.29 13.65
CA ALA A 210 20.55 -7.14 13.35
C ALA A 210 20.78 -6.84 11.87
N LEU A 211 20.40 -7.73 10.95
CA LEU A 211 20.72 -7.52 9.51
C LEU A 211 20.04 -6.29 8.90
N LYS A 212 18.75 -6.06 9.17
CA LYS A 212 17.98 -4.94 8.55
C LYS A 212 18.49 -3.56 8.98
N LEU A 213 18.83 -3.39 10.25
CA LEU A 213 19.11 -2.03 10.80
C LEU A 213 20.19 -2.15 11.87
N ASP A 214 20.43 -1.06 12.62
CA ASP A 214 21.49 -1.05 13.66
C ASP A 214 22.87 -1.26 13.02
N ALA A 215 23.10 -0.69 11.83
CA ALA A 215 24.45 -0.74 11.23
C ALA A 215 25.43 0.00 12.17
N VAL A 216 25.00 1.13 12.74
CA VAL A 216 25.85 1.90 13.71
C VAL A 216 26.19 1.01 14.91
N HIS A 217 25.26 0.17 15.35
CA HIS A 217 25.55 -0.80 16.45
C HIS A 217 26.81 -1.61 16.15
N LYS A 218 27.04 -2.06 14.90
CA LYS A 218 28.34 -2.73 14.62
C LYS A 218 28.44 -3.98 15.51
N ASN A 219 29.45 -4.04 16.37
CA ASN A 219 29.68 -5.23 17.25
C ASN A 219 28.45 -5.44 18.14
N GLN A 220 27.80 -4.38 18.61
CA GLN A 220 26.54 -4.53 19.40
C GLN A 220 25.47 -5.23 18.54
N ALA A 221 25.37 -4.90 17.24
CA ALA A 221 24.42 -5.62 16.36
C ALA A 221 24.81 -7.09 16.27
N MET A 222 26.11 -7.38 16.18
CA MET A 222 26.61 -8.79 16.12
C MET A 222 26.22 -9.52 17.41
N ALA A 223 26.32 -8.85 18.57
CA ALA A 223 25.91 -9.47 19.86
C ALA A 223 24.53 -10.10 19.74
N LEU A 224 23.57 -9.43 19.08
CA LEU A 224 22.25 -10.00 18.88
C LEU A 224 22.32 -11.35 18.18
N VAL A 225 23.16 -11.45 17.14
CA VAL A 225 23.29 -12.70 16.41
C VAL A 225 23.91 -13.78 17.29
N GLU A 226 24.94 -13.42 18.07
CA GLU A 226 25.55 -14.41 18.96
C GLU A 226 24.55 -14.91 19.98
N GLU A 227 23.76 -14.01 20.57
CA GLU A 227 22.77 -14.43 21.56
C GLU A 227 21.67 -15.27 20.91
N ALA A 228 21.31 -14.95 19.67
CA ALA A 228 20.30 -15.74 18.97
C ALA A 228 20.78 -17.16 18.70
N LEU A 229 22.05 -17.30 18.28
CA LEU A 229 22.60 -18.65 18.11
C LEU A 229 22.70 -19.37 19.45
N LYS A 230 23.08 -18.65 20.52
CA LYS A 230 23.23 -19.29 21.82
C LYS A 230 21.91 -19.81 22.36
N LYS A 231 20.83 -19.03 22.22
CA LYS A 231 19.56 -19.40 22.83
C LYS A 231 18.96 -20.66 22.19
N ASP A 232 18.96 -20.73 20.87
CA ASP A 232 18.35 -21.85 20.15
C ASP A 232 19.32 -22.38 19.10
N PRO A 233 20.12 -23.40 19.43
CA PRO A 233 21.08 -23.94 18.44
C PRO A 233 20.43 -24.78 17.35
N SER A 234 19.24 -25.33 17.58
CA SER A 234 18.60 -26.22 16.62
C SER A 234 17.66 -25.49 15.66
N ALA A 235 17.56 -24.17 15.74
CA ALA A 235 16.65 -23.43 14.88
C ALA A 235 17.27 -23.20 13.51
N ILE A 236 16.61 -23.68 12.46
CA ILE A 236 17.09 -23.46 11.11
C ILE A 236 16.92 -21.98 10.72
N ASP A 237 15.93 -21.31 11.33
CA ASP A 237 15.71 -19.88 11.07
C ASP A 237 16.99 -19.09 11.32
N THR A 238 17.43 -19.07 12.58
CA THR A 238 18.59 -18.30 12.96
C THR A 238 19.83 -18.80 12.21
N LEU A 239 19.90 -20.11 11.96
CA LEU A 239 21.08 -20.64 11.27
C LEU A 239 21.22 -20.05 9.87
N LEU A 240 20.17 -20.14 9.05
CA LEU A 240 20.26 -19.61 7.70
C LEU A 240 20.41 -18.09 7.70
N ARG A 241 19.68 -17.40 8.58
CA ARG A 241 19.75 -15.94 8.53
C ARG A 241 21.10 -15.43 9.03
N ALA A 242 21.68 -16.09 10.04
CA ALA A 242 23.02 -15.68 10.51
C ALA A 242 24.05 -15.92 9.40
N ALA A 243 23.94 -17.04 8.69
CA ALA A 243 24.95 -17.36 7.65
C ALA A 243 24.92 -16.29 6.55
N ARG A 244 23.73 -15.86 6.11
CA ARG A 244 23.62 -14.80 5.09
C ARG A 244 24.17 -13.48 5.65
N PHE A 245 23.94 -13.20 6.93
CA PHE A 245 24.44 -11.95 7.57
C PHE A 245 25.97 -11.94 7.55
N TYR A 246 26.60 -13.09 7.74
CA TYR A 246 28.09 -13.14 7.77
C TYR A 246 28.66 -12.80 6.39
N CYS A 247 27.89 -12.97 5.30
CA CYS A 247 28.39 -12.54 3.96
C CYS A 247 28.69 -11.04 3.99
N LYS A 248 27.82 -10.23 4.60
CA LYS A 248 28.07 -8.76 4.74
C LYS A 248 29.32 -8.57 5.61
N VAL A 249 29.49 -9.38 6.65
CA VAL A 249 30.68 -9.35 7.56
C VAL A 249 31.94 -9.72 6.76
N TYR A 250 31.82 -10.45 5.64
CA TYR A 250 32.99 -10.96 4.87
C TYR A 250 33.85 -11.89 5.74
N ASP A 251 33.19 -12.78 6.48
CA ASP A 251 33.91 -13.77 7.31
C ASP A 251 33.36 -15.14 6.92
N THR A 252 33.77 -15.62 5.73
CA THR A 252 33.27 -16.91 5.18
C THR A 252 33.67 -18.11 6.05
N ASP A 253 34.89 -18.15 6.58
CA ASP A 253 35.34 -19.27 7.47
C ASP A 253 34.22 -19.58 8.47
N ARG A 254 33.49 -18.56 8.92
CA ARG A 254 32.39 -18.71 9.89
C ARG A 254 31.07 -19.02 9.16
N ALA A 255 30.75 -18.27 8.11
CA ALA A 255 29.48 -18.44 7.37
C ALA A 255 29.41 -19.84 6.74
N ILE A 256 30.53 -20.31 6.18
CA ILE A 256 30.55 -21.63 5.50
C ILE A 256 30.38 -22.73 6.55
N GLN A 257 30.99 -22.60 7.73
CA GLN A 257 30.77 -23.62 8.76
C GLN A 257 29.28 -23.71 9.09
N LEU A 258 28.61 -22.57 9.23
CA LEU A 258 27.17 -22.57 9.49
C LEU A 258 26.40 -23.20 8.32
N LEU A 259 26.81 -22.88 7.09
CA LEU A 259 26.12 -23.43 5.93
C LEU A 259 26.34 -24.93 5.80
N ARG A 260 27.51 -25.43 6.18
CA ARG A 260 27.73 -26.87 6.22
C ARG A 260 26.86 -27.54 7.27
N LYS A 261 26.73 -26.90 8.44
CA LYS A 261 25.79 -27.40 9.44
C LYS A 261 24.37 -27.46 8.89
N ALA A 262 23.98 -26.43 8.15
CA ALA A 262 22.64 -26.42 7.54
C ALA A 262 22.49 -27.52 6.50
N LEU A 263 23.52 -27.73 5.68
CA LEU A 263 23.48 -28.80 4.68
C LEU A 263 23.38 -30.16 5.35
N GLU A 264 23.91 -30.30 6.56
CA GLU A 264 23.74 -31.53 7.31
C GLU A 264 22.27 -31.79 7.64
N LYS A 265 21.44 -30.74 7.60
CA LYS A 265 20.01 -30.89 7.88
C LYS A 265 19.23 -31.28 6.63
N LEU A 266 19.31 -30.46 5.59
CA LEU A 266 18.54 -30.65 4.36
C LEU A 266 19.50 -30.83 3.20
N PRO A 267 19.79 -32.08 2.81
CA PRO A 267 20.78 -32.29 1.76
C PRO A 267 20.27 -31.99 0.36
N ASN A 268 18.98 -32.24 0.09
CA ASN A 268 18.47 -32.12 -1.28
C ASN A 268 18.31 -30.68 -1.73
N ASN A 269 18.33 -29.73 -0.80
CA ASN A 269 18.06 -28.33 -1.14
C ASN A 269 19.14 -27.79 -2.07
N ALA A 270 18.73 -26.88 -2.96
CA ALA A 270 19.64 -26.24 -3.90
C ALA A 270 20.07 -24.85 -3.45
N TYR A 271 19.21 -24.14 -2.73
CA TYR A 271 19.56 -22.80 -2.26
C TYR A 271 20.70 -22.83 -1.24
N VAL A 272 20.86 -23.96 -0.55
CA VAL A 272 22.03 -24.13 0.32
C VAL A 272 23.30 -24.05 -0.51
N HIS A 273 23.31 -24.71 -1.67
CA HIS A 273 24.45 -24.58 -2.58
C HIS A 273 24.54 -23.16 -3.14
N TYR A 274 23.39 -22.52 -3.37
CA TYR A 274 23.38 -21.13 -3.90
C TYR A 274 24.06 -20.18 -2.92
N TYR A 275 23.71 -20.28 -1.63
CA TYR A 275 24.24 -19.29 -0.64
C TYR A 275 25.76 -19.40 -0.56
N MET A 276 26.28 -20.62 -0.55
CA MET A 276 27.76 -20.85 -0.52
C MET A 276 28.37 -20.17 -1.74
N GLY A 277 27.74 -20.30 -2.92
CA GLY A 277 28.22 -19.59 -4.11
C GLY A 277 28.13 -18.09 -3.91
N CYS A 278 27.06 -17.59 -3.31
CA CYS A 278 27.06 -16.12 -3.04
C CYS A 278 28.21 -15.78 -2.09
N CYS A 279 28.47 -16.62 -1.07
CA CYS A 279 29.51 -16.27 -0.05
C CYS A 279 30.91 -16.15 -0.64
N TYR A 280 31.33 -17.09 -1.50
CA TYR A 280 32.66 -16.93 -2.16
C TYR A 280 32.63 -15.69 -3.07
N ARG A 281 31.55 -15.49 -3.82
CA ARG A 281 31.48 -14.38 -4.82
C ARG A 281 31.59 -13.01 -4.15
N SER A 282 30.93 -12.81 -3.01
CA SER A 282 30.95 -11.46 -2.40
C SER A 282 32.35 -11.18 -1.86
N LYS A 283 32.99 -12.21 -1.28
CA LYS A 283 34.35 -12.03 -0.71
C LYS A 283 35.37 -11.82 -1.84
N VAL A 284 35.29 -12.59 -2.93
CA VAL A 284 36.32 -12.45 -3.96
C VAL A 284 36.18 -11.12 -4.69
N HIS A 285 34.94 -10.66 -4.92
CA HIS A 285 34.76 -9.36 -5.54
C HIS A 285 35.24 -8.24 -4.62
N HIS A 286 34.98 -8.37 -3.32
CA HIS A 286 35.48 -7.38 -2.37
C HIS A 286 37.00 -7.31 -2.38
N MET A 287 37.66 -8.46 -2.38
CA MET A 287 39.12 -8.48 -2.36
C MET A 287 39.74 -8.18 -3.71
N LEU A 288 38.95 -8.20 -4.78
CA LEU A 288 39.47 -7.88 -6.11
C LEU A 288 39.63 -6.37 -6.31
N ASN A 289 38.83 -5.56 -5.62
CA ASN A 289 38.83 -4.12 -5.90
C ASN A 289 40.15 -3.46 -5.51
N ARG A 290 40.67 -3.75 -4.32
CA ARG A 290 41.89 -3.00 -3.88
C ARG A 290 42.91 -3.86 -3.11
N ARG A 291 42.61 -5.11 -2.75
CA ARG A 291 43.57 -5.88 -1.90
C ARG A 291 44.90 -6.06 -2.65
N GLU A 292 44.86 -6.42 -3.94
CA GLU A 292 46.10 -6.50 -4.78
C GLU A 292 47.12 -7.45 -4.13
N MET A 293 48.37 -6.99 -3.99
CA MET A 293 49.47 -7.79 -3.35
C MET A 293 49.71 -9.12 -4.07
N VAL A 294 49.80 -10.23 -3.33
CA VAL A 294 50.11 -11.57 -3.94
C VAL A 294 49.00 -11.96 -4.91
N PHE A 295 47.72 -11.72 -4.55
CA PHE A 295 46.59 -12.01 -5.45
C PHE A 295 46.62 -13.48 -5.90
N SER A 296 46.91 -14.40 -4.98
CA SER A 296 47.00 -15.85 -5.33
C SER A 296 45.74 -16.60 -4.91
N GLY A 297 45.32 -16.50 -3.64
CA GLY A 297 44.15 -17.20 -3.13
C GLY A 297 42.92 -17.02 -4.00
N ASP A 298 42.86 -15.94 -4.78
CA ASP A 298 41.64 -15.64 -5.53
C ASP A 298 41.34 -16.71 -6.56
N ARG A 299 42.37 -17.27 -7.20
CA ARG A 299 42.14 -18.32 -8.19
C ARG A 299 41.48 -19.54 -7.56
N LYS A 300 41.96 -19.96 -6.38
CA LYS A 300 41.30 -21.05 -5.68
C LYS A 300 39.87 -20.69 -5.34
N LYS A 301 39.68 -19.54 -4.69
CA LYS A 301 38.34 -19.10 -4.31
C LYS A 301 37.39 -19.15 -5.50
N LEU A 302 37.85 -18.71 -6.66
CA LEU A 302 37.03 -18.80 -7.86
C LEU A 302 36.75 -20.25 -8.26
N GLU A 303 37.73 -21.14 -8.03
CA GLU A 303 37.52 -22.53 -8.39
C GLU A 303 36.39 -23.16 -7.56
N GLU A 304 36.47 -23.05 -6.23
CA GLU A 304 35.37 -23.58 -5.42
C GLU A 304 34.07 -22.83 -5.68
N LEU A 305 34.15 -21.53 -5.94
CA LEU A 305 32.97 -20.76 -6.31
C LEU A 305 32.26 -21.36 -7.52
N ILE A 306 32.99 -21.61 -8.59
CA ILE A 306 32.36 -22.11 -9.80
C ILE A 306 31.88 -23.54 -9.61
N GLN A 307 32.60 -24.34 -8.82
CA GLN A 307 32.13 -25.71 -8.62
C GLN A 307 30.82 -25.73 -7.83
N LEU A 308 30.70 -24.91 -6.79
CA LEU A 308 29.43 -24.84 -6.05
C LEU A 308 28.32 -24.25 -6.91
N ALA A 309 28.65 -23.26 -7.75
CA ALA A 309 27.63 -22.69 -8.64
C ALA A 309 27.09 -23.74 -9.60
N VAL A 310 27.97 -24.59 -10.14
CA VAL A 310 27.53 -25.65 -11.04
C VAL A 310 26.71 -26.69 -10.28
N ASN A 311 27.13 -27.02 -9.06
CA ASN A 311 26.37 -27.97 -8.26
C ASN A 311 24.97 -27.44 -7.96
N HIS A 312 24.85 -26.12 -7.81
CA HIS A 312 23.53 -25.50 -7.76
C HIS A 312 22.79 -25.67 -9.08
N LEU A 313 23.44 -25.29 -10.19
CA LEU A 313 22.73 -25.18 -11.46
C LEU A 313 22.20 -26.52 -11.94
N ARG A 314 22.88 -27.61 -11.57
CA ARG A 314 22.45 -28.93 -12.04
C ARG A 314 21.08 -29.32 -11.50
N LYS A 315 20.58 -28.65 -10.46
CA LYS A 315 19.29 -28.96 -9.88
C LYS A 315 18.42 -27.71 -9.80
N ALA A 316 17.11 -27.92 -9.86
CA ALA A 316 16.11 -26.88 -9.60
C ALA A 316 16.16 -25.74 -10.60
N GLU A 317 17.04 -25.84 -11.59
CA GLU A 317 17.17 -24.83 -12.63
C GLU A 317 17.06 -25.40 -14.03
N GLU A 318 17.55 -26.63 -14.25
CA GLU A 318 17.31 -27.30 -15.52
C GLU A 318 15.83 -27.54 -15.75
N ILE A 319 15.08 -27.77 -14.67
CA ILE A 319 13.63 -27.94 -14.78
C ILE A 319 12.97 -26.62 -15.16
N LYS A 320 13.35 -25.54 -14.47
CA LYS A 320 12.81 -24.21 -14.73
C LYS A 320 13.97 -23.25 -14.94
N GLU A 321 14.14 -22.77 -16.18
CA GLU A 321 15.29 -21.94 -16.53
C GLU A 321 15.27 -20.60 -15.80
N MET A 322 14.08 -20.05 -15.55
CA MET A 322 13.98 -18.70 -15.00
C MET A 322 14.58 -18.61 -13.60
N LEU A 323 14.34 -19.63 -12.77
CA LEU A 323 14.61 -19.49 -11.35
C LEU A 323 16.10 -19.37 -11.05
N GLU A 324 16.40 -18.72 -9.93
CA GLU A 324 17.69 -18.44 -9.30
C GLU A 324 18.52 -17.42 -10.07
N TYR A 325 18.21 -17.12 -11.34
CA TYR A 325 18.87 -16.06 -12.09
C TYR A 325 20.41 -16.20 -12.05
N SER A 326 20.90 -17.43 -11.87
CA SER A 326 22.32 -17.64 -11.60
C SER A 326 23.21 -17.46 -12.82
N CYS A 327 22.67 -17.62 -14.03
CA CYS A 327 23.50 -17.66 -15.22
C CYS A 327 24.29 -16.36 -15.42
N SER A 328 23.76 -15.23 -14.98
CA SER A 328 24.52 -13.99 -15.03
C SER A 328 25.76 -14.06 -14.15
N PHE A 329 25.60 -14.60 -12.93
CA PHE A 329 26.75 -14.79 -12.05
C PHE A 329 27.75 -15.77 -12.66
N LEU A 330 27.25 -16.86 -13.25
CA LEU A 330 28.15 -17.80 -13.93
C LEU A 330 28.94 -17.09 -15.03
N ALA A 331 28.26 -16.30 -15.84
CA ALA A 331 28.92 -15.59 -16.93
C ALA A 331 30.00 -14.67 -16.39
N ASP A 332 29.63 -13.76 -15.47
CA ASP A 332 30.61 -12.80 -14.95
C ASP A 332 31.76 -13.51 -14.24
N LEU A 333 31.47 -14.68 -13.64
CA LEU A 333 32.52 -15.48 -13.03
C LEU A 333 33.54 -15.93 -14.07
N TYR A 334 33.07 -16.48 -15.19
CA TYR A 334 34.00 -16.82 -16.26
C TYR A 334 34.73 -15.61 -16.81
N ILE A 335 34.05 -14.46 -16.85
CA ILE A 335 34.71 -13.26 -17.39
C ILE A 335 35.88 -12.86 -16.50
N ILE A 336 35.68 -12.90 -15.19
CA ILE A 336 36.79 -12.65 -14.26
C ILE A 336 37.84 -13.73 -14.41
N ALA A 337 37.41 -14.98 -14.63
CA ALA A 337 38.32 -16.10 -14.76
C ALA A 337 39.09 -16.11 -16.06
N LYS A 338 38.78 -15.19 -16.98
CA LYS A 338 39.47 -14.98 -18.25
C LYS A 338 39.19 -16.11 -19.26
N LYS A 339 38.40 -17.11 -18.88
CA LYS A 339 37.97 -18.17 -19.78
C LYS A 339 36.68 -17.73 -20.46
N TYR A 340 36.67 -17.71 -21.79
CA TYR A 340 35.62 -17.03 -22.54
C TYR A 340 34.64 -17.96 -23.24
N ASP A 341 35.06 -19.16 -23.64
CA ASP A 341 34.16 -20.00 -24.44
C ASP A 341 32.99 -20.53 -23.62
N GLU A 342 33.24 -21.09 -22.42
CA GLU A 342 32.09 -21.41 -21.58
C GLU A 342 31.35 -20.16 -21.14
N ALA A 343 32.04 -19.02 -21.09
CA ALA A 343 31.37 -17.77 -20.73
C ALA A 343 30.28 -17.42 -21.73
N ASP A 344 30.61 -17.43 -23.02
CA ASP A 344 29.59 -17.16 -24.02
C ASP A 344 28.56 -18.27 -24.07
N TYR A 345 28.96 -19.52 -23.83
CA TYR A 345 27.98 -20.60 -23.74
C TYR A 345 26.92 -20.29 -22.69
N TYR A 346 27.36 -19.98 -21.47
CA TYR A 346 26.42 -19.76 -20.38
C TYR A 346 25.63 -18.48 -20.57
N PHE A 347 26.24 -17.44 -21.14
CA PHE A 347 25.46 -16.23 -21.39
C PHE A 347 24.38 -16.50 -22.43
N GLN A 348 24.70 -17.25 -23.48
CA GLN A 348 23.70 -17.59 -24.49
C GLN A 348 22.61 -18.46 -23.89
N LYS A 349 22.97 -19.31 -22.93
CA LYS A 349 21.96 -20.05 -22.18
C LYS A 349 21.02 -19.09 -21.45
N GLU A 350 21.59 -18.06 -20.82
CA GLU A 350 20.76 -17.05 -20.15
C GLU A 350 19.87 -16.29 -21.12
N LEU A 351 20.41 -15.94 -22.29
CA LEU A 351 19.70 -15.02 -23.18
C LEU A 351 18.44 -15.66 -23.74
N SER A 352 18.48 -16.97 -24.00
CA SER A 352 17.32 -17.65 -24.58
C SER A 352 16.11 -17.62 -23.65
N LYS A 353 16.33 -17.45 -22.35
CA LYS A 353 15.23 -17.43 -21.39
C LYS A 353 14.51 -16.09 -21.43
N ASP A 354 13.19 -16.14 -21.30
CA ASP A 354 12.40 -14.93 -21.20
C ASP A 354 12.65 -14.23 -19.87
N LEU A 355 12.61 -12.90 -19.90
CA LEU A 355 12.82 -12.05 -18.75
C LEU A 355 11.90 -10.85 -18.84
N PRO A 356 11.62 -10.18 -17.72
CA PRO A 356 10.87 -8.93 -17.77
C PRO A 356 11.64 -7.86 -18.52
N PRO A 357 10.95 -6.85 -19.06
CA PRO A 357 11.66 -5.86 -19.91
C PRO A 357 12.82 -5.17 -19.22
N GLY A 358 12.72 -4.87 -17.94
CA GLY A 358 13.79 -4.23 -17.21
C GLY A 358 15.05 -5.10 -17.14
N PRO A 359 14.89 -6.33 -16.64
CA PRO A 359 16.02 -7.27 -16.70
C PRO A 359 16.49 -7.54 -18.12
N LYS A 360 15.59 -7.53 -19.10
CA LYS A 360 16.01 -7.73 -20.48
C LYS A 360 16.96 -6.62 -20.94
N GLN A 361 16.56 -5.36 -20.74
CA GLN A 361 17.43 -4.27 -21.16
C GLN A 361 18.71 -4.23 -20.34
N LEU A 362 18.66 -4.63 -19.07
CA LEU A 362 19.89 -4.74 -18.29
C LEU A 362 20.83 -5.78 -18.89
N LEU A 363 20.27 -6.93 -19.31
CA LEU A 363 21.06 -7.95 -19.97
C LEU A 363 21.67 -7.42 -21.27
N HIS A 364 20.88 -6.70 -22.06
CA HIS A 364 21.41 -6.13 -23.30
C HIS A 364 22.55 -5.17 -23.02
N LEU A 365 22.41 -4.31 -22.00
CA LEU A 365 23.48 -3.38 -21.65
C LEU A 365 24.74 -4.10 -21.22
N ARG A 366 24.59 -5.09 -20.33
CA ARG A 366 25.75 -5.82 -19.84
C ARG A 366 26.47 -6.55 -20.97
N TYR A 367 25.71 -7.19 -21.87
CA TYR A 367 26.38 -7.94 -22.92
C TYR A 367 26.90 -7.03 -24.01
N GLY A 368 26.34 -5.83 -24.14
CA GLY A 368 26.96 -4.84 -25.01
C GLY A 368 28.32 -4.45 -24.50
N ASN A 369 28.42 -4.18 -23.20
CA ASN A 369 29.72 -3.86 -22.61
C ASN A 369 30.70 -5.02 -22.79
N PHE A 370 30.23 -6.24 -22.54
CA PHE A 370 31.07 -7.42 -22.77
C PHE A 370 31.51 -7.54 -24.22
N GLN A 371 30.57 -7.47 -25.16
CA GLN A 371 30.88 -7.65 -26.57
C GLN A 371 31.86 -6.58 -27.03
N PHE A 372 31.79 -5.40 -26.42
CA PHE A 372 32.81 -4.38 -26.63
C PHE A 372 34.17 -4.82 -26.11
N PHE A 373 34.25 -5.24 -24.84
CA PHE A 373 35.54 -5.38 -24.18
C PHE A 373 36.36 -6.53 -24.74
N GLN A 374 35.74 -7.71 -24.89
CA GLN A 374 36.48 -8.92 -25.21
C GLN A 374 36.62 -9.17 -26.70
N MET A 375 35.79 -8.57 -27.55
CA MET A 375 35.83 -8.81 -28.99
C MET A 375 36.28 -7.55 -29.71
N LYS A 376 37.14 -7.73 -30.71
CA LYS A 376 37.62 -6.60 -31.50
C LYS A 376 36.49 -5.92 -32.27
N ARG A 377 35.57 -6.72 -32.82
CA ARG A 377 34.51 -6.18 -33.67
C ARG A 377 33.56 -5.30 -32.88
N GLN A 378 32.93 -4.36 -33.57
CA GLN A 378 32.02 -3.40 -32.97
C GLN A 378 30.58 -3.58 -33.42
N ASP A 379 30.36 -4.24 -34.56
CA ASP A 379 29.01 -4.34 -35.11
C ASP A 379 28.09 -5.14 -34.21
N LYS A 380 28.59 -6.20 -33.59
CA LYS A 380 27.76 -6.96 -32.66
C LYS A 380 27.36 -6.10 -31.47
N ALA A 381 28.29 -5.29 -30.95
CA ALA A 381 27.98 -4.45 -29.80
C ALA A 381 26.94 -3.39 -30.15
N ILE A 382 27.08 -2.75 -31.32
CA ILE A 382 26.08 -1.76 -31.71
C ILE A 382 24.73 -2.45 -31.96
N TYR A 383 24.76 -3.67 -32.49
CA TYR A 383 23.52 -4.43 -32.69
C TYR A 383 22.84 -4.72 -31.36
N HIS A 384 23.61 -5.10 -30.34
CA HIS A 384 23.00 -5.44 -29.05
C HIS A 384 22.50 -4.19 -28.35
N TYR A 385 23.20 -3.07 -28.49
CA TYR A 385 22.67 -1.80 -27.98
C TYR A 385 21.38 -1.42 -28.70
N MET A 386 21.30 -1.68 -30.01
CA MET A 386 20.06 -1.45 -30.73
C MET A 386 18.95 -2.35 -30.21
N GLU A 387 19.27 -3.61 -29.95
CA GLU A 387 18.32 -4.54 -29.36
C GLU A 387 17.79 -4.00 -28.04
N GLY A 388 18.68 -3.49 -27.20
CA GLY A 388 18.25 -2.96 -25.91
C GLY A 388 17.38 -1.72 -26.06
N VAL A 389 17.77 -0.81 -26.94
CA VAL A 389 17.00 0.42 -27.10
C VAL A 389 15.66 0.16 -27.77
N LYS A 390 15.51 -0.98 -28.45
CA LYS A 390 14.20 -1.35 -28.97
C LYS A 390 13.17 -1.53 -27.86
N ILE A 391 13.62 -1.91 -26.65
CA ILE A 391 12.73 -2.01 -25.51
C ILE A 391 12.44 -0.61 -25.00
N LYS A 392 11.16 -0.32 -24.74
CA LYS A 392 10.70 1.02 -24.41
C LYS A 392 10.49 1.25 -22.92
N LYS A 393 11.02 0.35 -22.08
CA LYS A 393 10.89 0.52 -20.64
C LYS A 393 11.69 1.72 -20.17
N LYS A 394 11.11 2.51 -19.28
CA LYS A 394 11.75 3.71 -18.75
C LYS A 394 12.44 3.37 -17.43
N THR A 395 13.76 3.36 -17.44
CA THR A 395 14.55 3.05 -16.26
C THR A 395 15.97 3.58 -16.47
N ILE A 396 16.73 3.63 -15.38
CA ILE A 396 18.05 4.26 -15.42
C ILE A 396 19.07 3.44 -16.22
N PRO A 397 19.01 2.10 -16.29
CA PRO A 397 19.86 1.42 -17.28
C PRO A 397 19.54 1.84 -18.70
N GLN A 398 18.28 2.14 -19.00
CA GLN A 398 17.94 2.65 -20.32
C GLN A 398 18.59 4.01 -20.58
N LYS A 399 18.64 4.87 -19.56
CA LYS A 399 19.34 6.15 -19.71
C LYS A 399 20.84 5.95 -19.94
N LYS A 400 21.43 5.02 -19.18
CA LYS A 400 22.82 4.66 -19.44
C LYS A 400 23.00 4.13 -20.85
N MET A 401 21.98 3.46 -21.40
CA MET A 401 22.08 2.96 -22.77
C MET A 401 21.96 4.10 -23.77
N ARG A 402 21.15 5.12 -23.48
CA ARG A 402 21.19 6.32 -24.32
C ARG A 402 22.58 6.94 -24.31
N GLU A 403 23.22 6.95 -23.14
CA GLU A 403 24.61 7.41 -23.06
C GLU A 403 25.51 6.53 -23.93
N LYS A 404 25.26 5.21 -23.93
CA LYS A 404 26.00 4.31 -24.80
C LYS A 404 25.82 4.67 -26.26
N LEU A 405 24.59 5.02 -26.66
CA LEU A 405 24.34 5.41 -28.04
C LEU A 405 25.06 6.72 -28.38
N GLN A 406 25.11 7.66 -27.43
CA GLN A 406 25.95 8.85 -27.63
C GLN A 406 27.41 8.47 -27.85
N ARG A 407 27.93 7.55 -27.04
CA ARG A 407 29.27 7.06 -27.28
C ARG A 407 29.42 6.49 -28.69
N ILE A 408 28.48 5.64 -29.12
CA ILE A 408 28.55 5.07 -30.46
C ILE A 408 28.53 6.18 -31.51
N ALA A 409 27.81 7.27 -31.24
CA ALA A 409 27.87 8.42 -32.14
C ALA A 409 29.28 8.99 -32.22
N LEU A 410 29.98 9.02 -31.08
CA LEU A 410 31.40 9.41 -31.11
C LEU A 410 32.23 8.40 -31.92
N ARG A 411 31.98 7.11 -31.72
CA ARG A 411 32.69 6.07 -32.46
C ARG A 411 32.45 6.19 -33.96
N ARG A 412 31.31 6.76 -34.36
CA ARG A 412 31.13 7.10 -35.77
C ARG A 412 32.22 8.04 -36.26
N LEU A 413 32.54 9.06 -35.47
CA LEU A 413 33.68 9.91 -35.80
C LEU A 413 34.98 9.14 -35.75
N HIS A 414 35.12 8.25 -34.76
CA HIS A 414 36.37 7.51 -34.59
C HIS A 414 36.51 6.37 -35.60
N GLU A 415 35.49 5.53 -35.76
CA GLU A 415 35.55 4.39 -36.66
C GLU A 415 34.57 4.60 -37.81
N ASP A 416 35.00 4.21 -39.02
CA ASP A 416 34.17 4.41 -40.21
C ASP A 416 33.14 3.29 -40.36
N GLU A 417 33.28 2.21 -39.59
CA GLU A 417 32.38 1.06 -39.74
C GLU A 417 30.97 1.38 -39.25
N SER A 418 30.80 2.48 -38.52
CA SER A 418 29.49 2.82 -37.99
C SER A 418 28.50 3.11 -39.11
N ASP A 419 28.91 3.88 -40.10
CA ASP A 419 28.17 4.10 -41.36
C ASP A 419 26.77 4.64 -41.05
N SER A 420 25.70 4.13 -41.69
CA SER A 420 24.39 4.74 -41.56
C SER A 420 23.69 4.35 -40.26
N GLU A 421 24.12 3.25 -39.63
CA GLU A 421 23.56 2.91 -38.32
C GLU A 421 23.74 4.05 -37.34
N ALA A 422 24.83 4.80 -37.46
CA ALA A 422 24.99 6.02 -36.67
C ALA A 422 23.95 7.06 -37.05
N LEU A 423 23.55 7.11 -38.32
CA LEU A 423 22.48 8.03 -38.71
C LEU A 423 21.17 7.64 -38.04
N HIS A 424 20.86 6.35 -37.98
CA HIS A 424 19.69 5.91 -37.23
C HIS A 424 19.81 6.22 -35.75
N ILE A 425 21.04 6.10 -35.20
CA ILE A 425 21.27 6.44 -33.80
C ILE A 425 20.92 7.90 -33.54
N LEU A 426 21.43 8.80 -34.39
CA LEU A 426 21.16 10.21 -34.19
C LEU A 426 19.69 10.55 -34.45
N ALA A 427 19.04 9.80 -35.34
CA ALA A 427 17.60 9.96 -35.52
C ALA A 427 16.85 9.61 -34.24
N PHE A 428 17.23 8.49 -33.61
CA PHE A 428 16.59 8.13 -32.34
C PHE A 428 16.88 9.16 -31.26
N LEU A 429 18.10 9.70 -31.23
CA LEU A 429 18.44 10.70 -30.23
C LEU A 429 17.68 12.00 -30.44
N GLN A 430 17.46 12.40 -31.70
CA GLN A 430 16.67 13.61 -31.93
C GLN A 430 15.19 13.35 -31.66
N GLU A 431 14.72 12.11 -31.84
CA GLU A 431 13.39 11.77 -31.37
C GLU A 431 13.27 11.92 -29.86
N ASN A 432 14.29 11.45 -29.13
CA ASN A 432 14.30 11.62 -27.68
C ASN A 432 14.37 13.09 -27.30
N GLY A 433 15.11 13.89 -28.06
CA GLY A 433 15.14 15.32 -27.82
C GLY A 433 13.78 15.97 -28.02
N GLY A 434 13.10 15.63 -29.12
CA GLY A 434 11.74 16.10 -29.31
C GLY A 434 10.84 15.70 -28.16
N GLY A 435 10.99 14.47 -27.67
CA GLY A 435 10.20 14.03 -26.53
C GLY A 435 10.47 14.83 -25.27
N GLN A 436 11.74 15.12 -25.00
CA GLN A 436 12.06 15.83 -23.75
C GLN A 436 11.65 17.30 -23.81
N GLN A 437 11.77 17.95 -24.97
CA GLN A 437 11.20 19.29 -25.08
C GLN A 437 9.67 19.24 -25.15
N ALA A 438 9.10 18.08 -25.49
CA ALA A 438 7.65 17.92 -25.36
C ALA A 438 7.22 17.83 -23.91
N ASP A 439 8.05 17.20 -23.06
CA ASP A 439 7.69 17.07 -21.65
C ASP A 439 7.60 18.43 -20.97
N LYS A 440 8.27 19.45 -21.51
CA LYS A 440 8.23 20.79 -20.92
C LYS A 440 6.84 21.41 -21.06
N SER B 1 -26.00 -0.79 32.20
CA SER B 1 -25.93 -1.90 31.27
C SER B 1 -25.90 -1.42 29.83
N LEU B 2 -26.47 -0.23 29.59
CA LEU B 2 -26.45 0.35 28.25
C LEU B 2 -25.05 0.73 27.81
N GLU B 3 -24.13 0.98 28.75
CA GLU B 3 -22.78 1.37 28.38
C GLU B 3 -22.03 0.25 27.70
N ALA B 4 -22.30 -1.01 28.07
CA ALA B 4 -21.61 -2.13 27.45
C ALA B 4 -22.14 -2.46 26.07
N ILE B 5 -23.42 -2.16 25.81
CA ILE B 5 -24.02 -2.51 24.52
C ILE B 5 -23.46 -1.64 23.40
N LEU B 6 -23.18 -0.37 23.69
CA LEU B 6 -22.81 0.56 22.63
C LEU B 6 -21.55 0.18 21.86
N PRO B 7 -20.45 -0.23 22.50
CA PRO B 7 -19.22 -0.51 21.73
C PRO B 7 -19.35 -1.64 20.72
N GLN B 8 -20.37 -2.50 20.83
CA GLN B 8 -20.51 -3.62 19.90
C GLN B 8 -21.16 -3.22 18.58
N LEU B 9 -21.74 -2.03 18.48
CA LEU B 9 -22.39 -1.62 17.25
C LEU B 9 -21.35 -1.20 16.20
N LYS B 10 -21.80 -1.15 14.95
CA LYS B 10 -21.01 -0.61 13.85
C LYS B 10 -21.59 0.74 13.43
N CYS B 11 -20.81 1.80 13.67
CA CYS B 11 -21.20 3.15 13.28
C CYS B 11 -19.94 3.99 13.24
N HIS B 12 -20.09 5.26 12.88
CA HIS B 12 -18.91 6.13 12.79
C HIS B 12 -18.25 6.35 14.14
N PHE B 13 -18.95 6.04 15.24
CA PHE B 13 -18.41 6.26 16.57
C PHE B 13 -17.50 5.13 17.04
N THR B 14 -17.46 4.00 16.33
CA THR B 14 -16.56 2.90 16.67
C THR B 14 -15.40 2.74 15.71
N TRP B 15 -15.48 3.31 14.51
CA TRP B 15 -14.33 3.35 13.62
C TRP B 15 -13.40 4.50 14.04
N ASN B 16 -12.10 4.22 14.04
CA ASN B 16 -11.12 5.22 14.44
C ASN B 16 -10.71 6.05 13.21
N LEU B 17 -11.65 6.90 12.78
CA LEU B 17 -11.43 7.68 11.56
C LEU B 17 -10.27 8.64 11.71
N PHE B 18 -10.10 9.21 12.92
CA PHE B 18 -9.01 10.20 13.15
C PHE B 18 -7.85 9.55 13.93
N ARG B 19 -7.45 8.34 13.57
CA ARG B 19 -6.31 7.62 14.20
C ARG B 19 -4.99 8.38 13.97
N GLU B 20 -4.80 8.98 12.79
CA GLU B 20 -3.53 9.64 12.41
C GLU B 20 -3.21 10.78 13.38
N GLY B 21 -4.21 11.44 13.95
CA GLY B 21 -3.92 12.58 14.83
C GLY B 21 -3.75 13.86 14.01
N SER B 22 -3.98 13.78 12.71
CA SER B 22 -3.87 14.96 11.81
C SER B 22 -5.23 15.20 11.14
N MET B 23 -5.69 16.46 11.14
CA MET B 23 -7.01 16.79 10.54
C MET B 23 -6.86 17.91 9.52
N SER B 24 -7.70 17.92 8.48
CA SER B 24 -7.63 18.93 7.39
C SER B 24 -8.40 20.20 7.79
N SER B 25 -8.58 21.12 6.83
CA SER B 25 -9.38 22.34 7.08
C SER B 25 -10.79 21.85 7.38
N HIS B 26 -11.58 22.60 8.15
CA HIS B 26 -12.84 22.00 8.69
C HIS B 26 -13.68 21.40 7.56
N MET B 27 -14.15 20.18 7.80
CA MET B 27 -14.81 19.40 6.72
C MET B 27 -16.22 19.87 6.42
N GLU B 28 -16.80 20.80 7.18
CA GLU B 28 -18.14 21.24 6.78
C GLU B 28 -18.25 21.56 5.30
N ASP B 29 -17.28 22.32 4.76
CA ASP B 29 -17.35 22.69 3.35
C ASP B 29 -16.94 21.53 2.45
N ARG B 30 -16.02 20.68 2.91
CA ARG B 30 -15.55 19.59 2.05
C ARG B 30 -16.56 18.46 1.95
N VAL B 31 -17.28 18.18 3.04
CA VAL B 31 -18.19 17.03 3.07
C VAL B 31 -19.40 17.27 2.16
N CYS B 32 -19.97 18.48 2.21
CA CYS B 32 -21.20 18.76 1.49
C CYS B 32 -21.01 19.85 0.45
N ASN B 33 -19.96 19.73 -0.36
CA ASN B 33 -19.65 20.76 -1.35
C ASN B 33 -20.83 20.98 -2.30
N GLN B 34 -21.19 19.97 -3.06
CA GLN B 34 -22.29 20.08 -4.03
C GLN B 34 -23.25 18.91 -3.84
N VAL B 35 -24.54 19.21 -3.73
CA VAL B 35 -25.55 18.19 -3.47
C VAL B 35 -26.44 17.92 -4.67
N GLU B 36 -26.39 18.78 -5.70
CA GLU B 36 -27.21 18.59 -6.89
C GLU B 36 -26.51 17.76 -7.96
N HIS B 37 -25.30 17.27 -7.68
CA HIS B 37 -24.54 16.48 -8.64
C HIS B 37 -24.44 15.02 -8.24
N LEU B 38 -25.20 14.58 -7.24
CA LEU B 38 -25.11 13.24 -6.71
C LEU B 38 -26.44 12.51 -6.88
N ASN B 39 -26.42 11.21 -6.61
CA ASN B 39 -27.62 10.38 -6.67
C ASN B 39 -28.13 10.11 -5.26
N SER B 40 -29.15 9.26 -5.17
CA SER B 40 -29.78 8.99 -3.87
C SER B 40 -28.84 8.23 -2.94
N GLU B 41 -28.11 7.25 -3.48
CA GLU B 41 -27.27 6.41 -2.62
C GLU B 41 -26.08 7.18 -2.05
N GLU B 42 -25.51 8.09 -2.84
CA GLU B 42 -24.42 8.91 -2.33
C GLU B 42 -24.91 10.01 -1.39
N LYS B 43 -26.14 10.50 -1.59
CA LYS B 43 -26.68 11.50 -0.69
C LYS B 43 -26.85 10.94 0.71
N ALA B 44 -27.31 9.70 0.82
CA ALA B 44 -27.51 9.09 2.13
C ALA B 44 -26.19 8.95 2.88
N THR B 45 -25.12 8.54 2.19
CA THR B 45 -23.83 8.35 2.85
C THR B 45 -23.29 9.68 3.37
N MET B 46 -23.43 10.75 2.59
CA MET B 46 -22.91 12.05 3.00
C MET B 46 -23.58 12.53 4.28
N TYR B 47 -24.90 12.38 4.38
CA TYR B 47 -25.60 12.85 5.57
C TYR B 47 -25.23 12.04 6.80
N ASP B 48 -24.93 10.75 6.63
CA ASP B 48 -24.49 9.94 7.76
C ASP B 48 -23.17 10.46 8.33
N LEU B 49 -22.25 10.86 7.46
CA LEU B 49 -20.97 11.39 7.91
C LEU B 49 -21.10 12.83 8.42
N LEU B 50 -21.99 13.61 7.80
CA LEU B 50 -22.12 15.01 8.18
C LEU B 50 -22.65 15.15 9.60
N ALA B 51 -23.45 14.20 10.08
CA ALA B 51 -23.91 14.25 11.46
C ALA B 51 -22.75 14.08 12.44
N TYR B 52 -21.81 13.19 12.11
CA TYR B 52 -20.69 12.93 13.00
C TYR B 52 -19.80 14.17 13.15
N ILE B 53 -19.55 14.87 12.04
CA ILE B 53 -18.73 16.07 12.10
C ILE B 53 -19.42 17.16 12.91
N LYS B 54 -20.72 17.34 12.71
CA LYS B 54 -21.45 18.37 13.45
C LYS B 54 -21.47 18.08 14.95
N HIS B 55 -21.69 16.82 15.32
CA HIS B 55 -21.77 16.47 16.74
C HIS B 55 -20.49 16.81 17.48
N LEU B 56 -19.34 16.52 16.86
CA LEU B 56 -18.07 16.89 17.47
C LEU B 56 -17.95 18.39 17.64
N ASP B 57 -18.63 19.17 16.80
CA ASP B 57 -18.55 20.61 16.86
C ASP B 57 -19.44 21.20 17.95
N GLY B 58 -20.36 20.41 18.50
CA GLY B 58 -21.22 20.83 19.59
C GLY B 58 -22.68 21.04 19.24
N GLU B 59 -23.03 21.06 17.95
CA GLU B 59 -24.43 21.28 17.54
C GLU B 59 -25.15 19.94 17.46
N SER B 60 -25.52 19.45 18.64
CA SER B 60 -26.23 18.18 18.72
C SER B 60 -27.60 18.25 18.05
N LYS B 61 -28.30 19.37 18.21
CA LYS B 61 -29.64 19.49 17.64
C LYS B 61 -29.60 19.45 16.12
N ALA B 62 -28.63 20.12 15.51
CA ALA B 62 -28.51 20.08 14.06
C ALA B 62 -28.09 18.69 13.58
N ALA B 63 -27.40 17.92 14.42
CA ALA B 63 -26.98 16.58 14.03
C ALA B 63 -28.16 15.67 13.77
N LEU B 64 -29.20 15.77 14.59
CA LEU B 64 -30.40 14.96 14.38
C LEU B 64 -31.07 15.29 13.05
N GLU B 65 -31.03 16.56 12.66
CA GLU B 65 -31.63 16.96 11.39
C GLU B 65 -30.89 16.34 10.21
N CYS B 66 -29.56 16.27 10.28
CA CYS B 66 -28.79 15.66 9.20
C CYS B 66 -29.11 14.18 9.07
N LEU B 67 -29.27 13.48 10.20
CA LEU B 67 -29.59 12.06 10.16
C LEU B 67 -30.98 11.83 9.60
N GLY B 68 -31.94 12.69 9.92
CA GLY B 68 -33.30 12.47 9.48
C GLY B 68 -33.44 12.51 7.97
N GLN B 69 -32.71 13.39 7.30
CA GLN B 69 -32.78 13.48 5.85
C GLN B 69 -32.30 12.20 5.18
N ALA B 70 -31.19 11.63 5.68
CA ALA B 70 -30.71 10.36 5.13
C ALA B 70 -31.68 9.23 5.45
N GLU B 71 -32.38 9.33 6.57
CA GLU B 71 -33.38 8.32 6.92
C GLU B 71 -34.50 8.27 5.87
N ASP B 72 -34.91 9.44 5.38
CA ASP B 72 -36.01 9.51 4.42
C ASP B 72 -35.64 8.87 3.08
N LEU B 73 -34.43 9.14 2.59
CA LEU B 73 -34.03 8.60 1.30
C LEU B 73 -33.94 7.09 1.32
N ARG B 74 -33.40 6.52 2.40
CA ARG B 74 -33.29 5.07 2.50
C ARG B 74 -34.66 4.42 2.68
N LYS B 75 -35.58 5.10 3.38
CA LYS B 75 -36.92 4.56 3.56
C LYS B 75 -37.71 4.60 2.26
N SER B 76 -37.48 5.63 1.43
CA SER B 76 -38.24 5.78 0.19
C SER B 76 -37.99 4.62 -0.75
N GLU B 77 -36.73 4.21 -0.88
CA GLU B 77 -36.40 3.10 -1.77
C GLU B 77 -36.64 1.77 -1.07
N HIS B 78 -37.28 0.85 -1.77
CA HIS B 78 -37.64 -0.46 -1.23
C HIS B 78 -36.72 -1.50 -1.87
N ASN B 79 -35.80 -2.03 -1.08
CA ASN B 79 -34.85 -3.03 -1.56
C ASN B 79 -34.29 -3.78 -0.36
N ASP B 80 -33.83 -5.00 -0.63
CA ASP B 80 -33.28 -5.82 0.45
C ASP B 80 -31.98 -5.24 1.00
N GLN B 81 -31.05 -4.87 0.12
CA GLN B 81 -29.77 -4.34 0.57
C GLN B 81 -29.94 -3.00 1.27
N SER B 82 -30.99 -2.25 0.93
CA SER B 82 -31.22 -0.96 1.56
C SER B 82 -31.53 -1.10 3.05
N GLU B 83 -32.18 -2.20 3.44
CA GLU B 83 -32.45 -2.44 4.85
C GLU B 83 -31.16 -2.59 5.64
N ILE B 84 -30.16 -3.27 5.07
CA ILE B 84 -28.92 -3.51 5.79
C ILE B 84 -28.12 -2.21 5.94
N ARG B 85 -28.11 -1.38 4.90
CA ARG B 85 -27.40 -0.10 4.99
C ARG B 85 -28.00 0.80 6.06
N ARG B 86 -29.26 0.60 6.42
CA ARG B 86 -29.91 1.36 7.48
C ARG B 86 -29.32 1.11 8.85
N LEU B 87 -28.53 0.04 9.03
CA LEU B 87 -27.99 -0.26 10.35
C LEU B 87 -26.97 0.77 10.79
N VAL B 88 -26.29 1.42 9.85
CA VAL B 88 -25.31 2.44 10.20
C VAL B 88 -26.01 3.66 10.81
N THR B 89 -27.15 4.06 10.24
CA THR B 89 -27.85 5.23 10.73
C THR B 89 -28.39 5.02 12.13
N TRP B 90 -28.95 3.84 12.41
CA TRP B 90 -29.51 3.57 13.73
C TRP B 90 -28.43 3.53 14.80
N GLY B 91 -27.19 3.24 14.42
CA GLY B 91 -26.10 3.30 15.38
C GLY B 91 -25.76 4.70 15.83
N ASN B 92 -26.07 5.70 15.00
CA ASN B 92 -25.78 7.08 15.36
C ASN B 92 -26.81 7.66 16.31
N TYR B 93 -28.08 7.26 16.19
CA TYR B 93 -29.08 7.68 17.16
C TYR B 93 -28.73 7.22 18.57
N ALA B 94 -28.30 5.96 18.71
CA ALA B 94 -28.02 5.44 20.04
C ALA B 94 -26.88 6.20 20.71
N TRP B 95 -25.85 6.54 19.95
CA TRP B 95 -24.70 7.23 20.54
C TRP B 95 -25.02 8.69 20.86
N ILE B 96 -25.79 9.35 20.00
CA ILE B 96 -26.07 10.77 20.20
C ILE B 96 -27.03 10.98 21.37
N TYR B 97 -28.11 10.20 21.44
CA TYR B 97 -29.03 10.33 22.58
C TYR B 97 -28.33 10.02 23.90
N TYR B 98 -27.53 8.96 23.93
CA TYR B 98 -26.88 8.59 25.19
C TYR B 98 -25.96 9.71 25.66
N HIS B 99 -25.23 10.33 24.74
CA HIS B 99 -24.39 11.47 25.11
C HIS B 99 -25.24 12.67 25.51
N MET B 100 -26.35 12.90 24.80
CA MET B 100 -27.19 14.06 25.08
C MET B 100 -27.98 13.91 26.38
N GLY B 101 -28.03 12.71 26.95
CA GLY B 101 -28.71 12.49 28.22
C GLY B 101 -30.06 11.82 28.12
N ARG B 102 -30.62 11.70 26.92
CA ARG B 102 -31.94 11.08 26.75
C ARG B 102 -31.76 9.56 26.70
N LEU B 103 -31.45 8.99 27.86
CA LEU B 103 -31.13 7.56 27.95
C LEU B 103 -32.34 6.69 27.64
N SER B 104 -33.55 7.13 28.00
CA SER B 104 -34.73 6.33 27.72
C SER B 104 -34.98 6.20 26.22
N GLU B 105 -34.75 7.27 25.46
CA GLU B 105 -34.99 7.23 24.02
C GLU B 105 -34.00 6.31 23.33
N ALA B 106 -32.73 6.34 23.73
CA ALA B 106 -31.70 5.55 23.06
C ALA B 106 -31.93 4.06 23.20
N GLN B 107 -32.67 3.63 24.22
CA GLN B 107 -32.94 2.20 24.38
C GLN B 107 -33.84 1.68 23.27
N ALA B 108 -34.68 2.54 22.68
CA ALA B 108 -35.59 2.11 21.64
C ALA B 108 -34.83 1.64 20.39
N TYR B 109 -33.81 2.40 19.99
CA TYR B 109 -33.09 2.06 18.77
C TYR B 109 -32.16 0.87 18.97
N VAL B 110 -31.62 0.70 20.19
CA VAL B 110 -30.84 -0.49 20.48
C VAL B 110 -31.71 -1.73 20.39
N ASP B 111 -32.98 -1.61 20.80
CA ASP B 111 -33.91 -2.72 20.60
C ASP B 111 -34.16 -2.98 19.12
N LYS B 112 -34.36 -1.92 18.33
CA LYS B 112 -34.75 -2.08 16.94
C LYS B 112 -33.65 -2.71 16.10
N VAL B 113 -32.39 -2.40 16.39
CA VAL B 113 -31.29 -2.92 15.58
C VAL B 113 -31.15 -4.43 15.76
N ARG B 114 -31.68 -4.99 16.85
CA ARG B 114 -31.47 -6.40 17.12
C ARG B 114 -32.33 -7.30 16.23
N GLN B 115 -33.58 -6.90 15.95
CA GLN B 115 -34.42 -7.73 15.10
C GLN B 115 -33.89 -7.78 13.67
N VAL B 116 -33.43 -6.64 13.15
CA VAL B 116 -32.90 -6.61 11.78
C VAL B 116 -31.65 -7.47 11.68
N CYS B 117 -30.76 -7.37 12.66
CA CYS B 117 -29.56 -8.19 12.66
C CYS B 117 -29.88 -9.67 12.83
N GLN B 118 -31.01 -9.99 13.48
CA GLN B 118 -31.35 -11.38 13.72
C GLN B 118 -31.79 -12.09 12.44
N LYS B 119 -32.51 -11.37 11.56
CA LYS B 119 -33.02 -12.00 10.35
C LYS B 119 -31.90 -12.36 9.39
N PHE B 120 -30.91 -11.48 9.26
CA PHE B 120 -29.82 -11.67 8.29
C PHE B 120 -28.56 -12.25 8.95
N ALA B 121 -28.72 -13.00 10.03
CA ALA B 121 -27.56 -13.53 10.73
C ALA B 121 -26.89 -14.65 9.95
N ASN B 122 -25.57 -14.77 10.12
CA ASN B 122 -24.79 -15.83 9.52
C ASN B 122 -24.44 -16.84 10.60
N PRO B 123 -24.99 -18.05 10.57
CA PRO B 123 -24.81 -18.98 11.69
C PRO B 123 -23.58 -19.87 11.59
N TYR B 124 -22.63 -19.53 10.72
CA TYR B 124 -21.44 -20.37 10.55
C TYR B 124 -20.13 -19.60 10.68
N SER B 125 -20.15 -18.34 11.10
CA SER B 125 -18.93 -17.58 11.24
C SER B 125 -19.11 -16.50 12.30
N MET B 126 -18.00 -16.02 12.83
CA MET B 126 -17.99 -14.98 13.83
C MET B 126 -16.72 -14.18 13.71
N GLU B 127 -16.64 -13.09 14.46
CA GLU B 127 -15.49 -12.19 14.44
C GLU B 127 -14.92 -12.08 15.85
N CYS B 128 -13.60 -12.27 15.97
CA CYS B 128 -12.91 -12.13 17.24
C CYS B 128 -11.43 -11.95 16.95
N PRO B 129 -10.67 -11.38 17.90
CA PRO B 129 -9.23 -11.22 17.67
C PRO B 129 -8.49 -12.50 17.35
N GLU B 130 -8.88 -13.63 17.96
CA GLU B 130 -8.18 -14.88 17.72
C GLU B 130 -8.35 -15.37 16.29
N LEU B 131 -9.45 -14.98 15.63
CA LEU B 131 -9.66 -15.38 14.24
C LEU B 131 -9.00 -14.45 13.24
N GLU B 132 -8.45 -13.32 13.70
CA GLU B 132 -7.71 -12.44 12.79
C GLU B 132 -6.23 -12.81 12.75
N CYS B 133 -5.70 -13.40 13.82
CA CYS B 133 -4.30 -13.81 13.81
C CYS B 133 -4.09 -15.06 12.95
N GLU B 134 -4.99 -16.04 13.07
CA GLU B 134 -4.84 -17.26 12.28
C GLU B 134 -4.90 -16.96 10.79
N GLU B 135 -5.78 -16.04 10.39
CA GLU B 135 -5.80 -15.60 9.00
C GLU B 135 -4.54 -14.79 8.66
N GLY B 136 -4.00 -14.05 9.62
CA GLY B 136 -2.82 -13.25 9.34
C GLY B 136 -1.60 -14.09 9.01
N TRP B 137 -1.41 -15.19 9.73
CA TRP B 137 -0.27 -16.06 9.47
C TRP B 137 -0.34 -16.68 8.08
N THR B 138 -1.52 -17.15 7.68
CA THR B 138 -1.66 -17.81 6.39
C THR B 138 -1.38 -16.85 5.24
N ARG B 139 -1.88 -15.62 5.33
CA ARG B 139 -1.61 -14.64 4.30
C ARG B 139 -0.14 -14.26 4.25
N LEU B 140 0.56 -14.39 5.38
CA LEU B 140 1.99 -14.10 5.41
C LEU B 140 2.78 -15.12 4.61
N LYS B 141 2.47 -16.40 4.78
CA LYS B 141 3.23 -17.45 4.09
C LYS B 141 2.99 -17.44 2.59
N CYS B 142 1.76 -17.19 2.16
CA CYS B 142 1.45 -17.20 0.74
C CYS B 142 2.09 -16.05 -0.02
N GLY B 143 2.64 -15.06 0.68
CA GLY B 143 3.34 -13.99 0.02
C GLY B 143 2.58 -12.69 -0.12
N ARG B 144 1.39 -12.58 0.47
CA ARG B 144 0.60 -11.34 0.43
C ARG B 144 0.88 -10.60 1.74
N ASN B 145 1.96 -9.81 1.74
CA ASN B 145 2.39 -9.15 2.97
C ASN B 145 1.46 -8.00 3.36
N GLU B 146 0.96 -7.25 2.38
CA GLU B 146 0.15 -6.07 2.70
C GLU B 146 -1.16 -6.46 3.36
N ARG B 147 -1.81 -7.52 2.88
CA ARG B 147 -3.03 -7.99 3.52
C ARG B 147 -2.75 -8.60 4.91
N ALA B 148 -1.58 -9.17 5.11
CA ALA B 148 -1.22 -9.72 6.41
C ALA B 148 -0.89 -8.63 7.41
N LYS B 149 -0.45 -7.47 6.96
CA LYS B 149 -0.18 -6.36 7.86
C LYS B 149 -1.44 -5.89 8.56
N MET B 150 -2.57 -5.84 7.84
CA MET B 150 -3.77 -5.23 8.38
C MET B 150 -4.56 -6.19 9.25
N CYS B 151 -4.41 -7.49 9.04
CA CYS B 151 -5.04 -8.45 9.95
C CYS B 151 -4.45 -8.35 11.35
N PHE B 152 -3.13 -8.16 11.44
CA PHE B 152 -2.50 -8.00 12.74
C PHE B 152 -2.78 -6.62 13.33
N GLU B 153 -2.80 -5.58 12.49
CA GLU B 153 -3.01 -4.23 12.99
C GLU B 153 -4.40 -4.06 13.58
N LYS B 154 -5.42 -4.64 12.93
CA LYS B 154 -6.78 -4.51 13.43
C LYS B 154 -6.98 -5.34 14.71
N ALA B 155 -6.20 -6.40 14.88
CA ALA B 155 -6.29 -7.19 16.10
C ALA B 155 -5.67 -6.49 17.30
N LEU B 156 -4.66 -5.65 17.09
CA LEU B 156 -4.05 -4.91 18.19
C LEU B 156 -4.97 -3.82 18.74
N GLU B 157 -5.93 -3.35 17.96
CA GLU B 157 -6.84 -2.32 18.46
C GLU B 157 -7.70 -2.86 19.59
N GLU B 158 -8.11 -4.12 19.48
CA GLU B 158 -8.94 -4.72 20.54
C GLU B 158 -8.10 -5.02 21.78
N LYS B 159 -6.92 -5.59 21.60
CA LYS B 159 -5.99 -5.89 22.70
C LYS B 159 -4.75 -5.03 22.55
N PRO B 160 -4.58 -3.97 23.35
CA PRO B 160 -3.49 -3.02 23.11
C PRO B 160 -2.10 -3.64 23.12
N LYS B 161 -1.86 -4.63 23.98
CA LYS B 161 -0.56 -5.31 24.05
C LYS B 161 -0.80 -6.80 23.95
N ASP B 162 -0.09 -7.45 23.03
CA ASP B 162 -0.21 -8.88 22.84
C ASP B 162 1.09 -9.41 22.24
N PRO B 163 1.81 -10.29 22.95
CA PRO B 163 3.13 -10.71 22.45
C PRO B 163 3.08 -11.48 21.14
N GLU B 164 1.95 -12.06 20.76
CA GLU B 164 1.89 -12.82 19.53
C GLU B 164 1.60 -11.95 18.31
N CYS B 165 0.62 -11.04 18.42
CA CYS B 165 0.33 -10.14 17.31
C CYS B 165 1.50 -9.21 17.02
N SER B 166 2.16 -8.71 18.06
CA SER B 166 3.26 -7.78 17.88
C SER B 166 4.40 -8.40 17.10
N SER B 167 4.71 -9.67 17.39
CA SER B 167 5.76 -10.35 16.64
C SER B 167 5.41 -10.47 15.17
N GLY B 168 4.15 -10.83 14.87
CA GLY B 168 3.76 -11.04 13.49
C GLY B 168 3.78 -9.76 12.66
N MET B 169 3.40 -8.63 13.27
CA MET B 169 3.34 -7.39 12.52
C MET B 169 4.72 -6.90 12.13
N ALA B 170 5.72 -7.12 12.99
CA ALA B 170 7.08 -6.71 12.68
C ALA B 170 7.64 -7.50 11.50
N ILE B 171 7.34 -8.80 11.44
CA ILE B 171 7.83 -9.63 10.33
C ILE B 171 7.23 -9.17 9.01
N ALA B 172 5.93 -8.86 8.99
CA ALA B 172 5.30 -8.39 7.76
C ALA B 172 5.86 -7.04 7.33
N MET B 173 6.15 -6.15 8.29
CA MET B 173 6.76 -4.87 7.96
C MET B 173 8.15 -5.04 7.38
N PHE B 174 8.94 -5.97 7.92
CA PHE B 174 10.28 -6.22 7.39
C PHE B 174 10.23 -6.76 5.97
N ARG B 175 9.30 -7.68 5.71
CA ARG B 175 9.19 -8.27 4.38
C ARG B 175 8.75 -7.24 3.35
N LEU B 176 7.88 -6.31 3.74
CA LEU B 176 7.40 -5.30 2.80
C LEU B 176 8.51 -4.34 2.40
N GLU B 177 9.28 -3.85 3.37
CA GLU B 177 10.34 -2.90 3.06
C GLU B 177 11.44 -3.53 2.20
N GLU B 178 11.66 -4.83 2.36
CA GLU B 178 12.64 -5.52 1.52
C GLU B 178 12.22 -5.51 0.05
N LYS B 179 10.93 -5.70 -0.22
CA LYS B 179 10.42 -5.74 -1.59
C LYS B 179 9.01 -5.15 -1.62
N PRO B 180 8.82 -3.98 -2.22
CA PRO B 180 7.51 -3.33 -2.19
C PRO B 180 6.46 -4.10 -2.97
N GLU B 181 5.20 -3.88 -2.58
CA GLU B 181 4.07 -4.55 -3.22
C GLU B 181 3.68 -3.82 -4.50
N LYS B 182 3.31 -4.60 -5.51
CA LYS B 182 2.96 -4.03 -6.81
C LYS B 182 1.58 -3.39 -6.78
N GLN B 183 1.43 -2.27 -7.48
CA GLN B 183 0.17 -1.54 -7.59
C GLN B 183 -0.22 -1.44 -9.05
N PHE B 184 -1.49 -1.68 -9.35
CA PHE B 184 -2.03 -1.54 -10.71
C PHE B 184 -2.94 -0.34 -10.77
N SER B 185 -2.58 0.65 -11.60
CA SER B 185 -3.33 1.89 -11.70
C SER B 185 -4.01 2.06 -13.05
N VAL B 186 -3.26 1.96 -14.14
CA VAL B 186 -3.85 2.20 -15.47
C VAL B 186 -4.83 1.08 -15.84
N ASP B 187 -4.58 -0.14 -15.37
CA ASP B 187 -5.51 -1.23 -15.66
C ASP B 187 -6.82 -1.04 -14.90
N ALA B 188 -6.73 -0.73 -13.60
CA ALA B 188 -7.93 -0.59 -12.79
C ALA B 188 -8.76 0.62 -13.21
N LEU B 189 -8.10 1.75 -13.49
CA LEU B 189 -8.83 2.96 -13.87
C LEU B 189 -9.55 2.77 -15.20
N LYS B 190 -8.90 2.13 -16.18
CA LYS B 190 -9.56 1.87 -17.44
C LYS B 190 -10.75 0.92 -17.27
N GLN B 191 -10.59 -0.10 -16.44
CA GLN B 191 -11.68 -1.04 -16.21
C GLN B 191 -12.86 -0.36 -15.53
N ALA B 192 -12.59 0.48 -14.53
CA ALA B 192 -13.67 1.17 -13.82
C ALA B 192 -14.38 2.17 -14.70
N MET B 193 -13.65 2.83 -15.61
CA MET B 193 -14.28 3.79 -16.50
C MET B 193 -15.24 3.11 -17.47
N GLU B 194 -15.01 1.83 -17.77
CA GLU B 194 -15.91 1.11 -18.66
C GLU B 194 -17.21 0.73 -17.97
N LEU B 195 -17.17 0.46 -16.66
CA LEU B 195 -18.39 0.16 -15.92
C LEU B 195 -19.22 1.43 -15.66
N ASN B 196 -18.55 2.56 -15.41
CA ASN B 196 -19.22 3.84 -15.20
C ASN B 196 -18.93 4.75 -16.37
N PRO B 197 -19.83 4.89 -17.34
CA PRO B 197 -19.54 5.66 -18.55
C PRO B 197 -19.86 7.14 -18.47
N GLN B 198 -20.48 7.61 -17.39
CA GLN B 198 -20.89 9.00 -17.26
C GLN B 198 -20.16 9.70 -16.11
N ASN B 199 -18.98 9.21 -15.75
CA ASN B 199 -18.18 9.79 -14.67
C ASN B 199 -16.94 10.44 -15.28
N GLN B 200 -16.75 11.73 -14.99
CA GLN B 200 -15.62 12.48 -15.51
C GLN B 200 -14.49 12.65 -14.51
N TYR B 201 -14.76 12.43 -13.22
CA TYR B 201 -13.70 12.49 -12.21
C TYR B 201 -12.66 11.42 -12.45
N LEU B 202 -13.08 10.22 -12.84
CA LEU B 202 -12.12 9.16 -13.14
C LEU B 202 -11.32 9.46 -14.40
N LYS B 203 -11.84 10.34 -15.27
CA LYS B 203 -11.12 10.67 -16.50
C LYS B 203 -9.86 11.49 -16.20
N VAL B 204 -9.98 12.51 -15.35
CA VAL B 204 -8.83 13.35 -15.07
C VAL B 204 -7.81 12.65 -14.18
N LEU B 205 -8.23 11.61 -13.44
CA LEU B 205 -7.26 10.84 -12.68
C LEU B 205 -6.35 10.03 -13.60
N LEU B 206 -6.91 9.43 -14.64
CA LEU B 206 -6.10 8.67 -15.59
C LEU B 206 -5.16 9.57 -16.37
N ALA B 207 -5.66 10.73 -16.80
CA ALA B 207 -4.82 11.66 -17.56
C ALA B 207 -3.63 12.13 -16.74
N LEU B 208 -3.86 12.44 -15.46
CA LEU B 208 -2.75 12.82 -14.59
C LEU B 208 -1.74 11.69 -14.44
N LYS B 209 -2.20 10.45 -14.49
CA LYS B 209 -1.28 9.31 -14.50
C LYS B 209 -0.47 9.27 -15.79
N LEU B 210 -1.15 9.45 -16.92
CA LEU B 210 -0.49 9.34 -18.23
C LEU B 210 0.52 10.45 -18.45
N LEU B 211 0.28 11.64 -17.89
CA LEU B 211 1.23 12.74 -18.06
C LEU B 211 2.58 12.38 -17.43
N ARG B 212 2.56 11.81 -16.24
CA ARG B 212 3.82 11.46 -15.57
C ARG B 212 4.49 10.27 -16.24
N MET B 213 3.73 9.37 -16.85
CA MET B 213 4.28 8.20 -17.52
C MET B 213 5.10 8.57 -18.76
N GLY B 214 4.87 9.76 -19.33
CA GLY B 214 5.64 10.23 -20.46
C GLY B 214 4.85 10.56 -21.72
N GLU B 215 3.52 10.52 -21.67
CA GLU B 215 2.67 10.80 -22.82
C GLU B 215 1.77 11.98 -22.49
N GLU B 216 1.87 13.05 -23.29
CA GLU B 216 1.02 14.21 -23.09
C GLU B 216 -0.13 14.30 -24.08
N ALA B 217 0.05 13.79 -25.31
CA ALA B 217 -1.02 13.83 -26.29
C ALA B 217 -2.22 13.02 -25.83
N GLU B 218 -1.98 11.85 -25.24
CA GLU B 218 -3.08 11.08 -24.66
C GLU B 218 -3.68 11.79 -23.45
N GLY B 219 -2.85 12.37 -22.59
CA GLY B 219 -3.36 13.04 -21.41
C GLY B 219 -4.17 14.28 -21.73
N GLU B 220 -3.66 15.12 -22.62
CA GLU B 220 -4.32 16.39 -22.91
C GLU B 220 -5.65 16.19 -23.64
N ARG B 221 -5.72 15.16 -24.48
CA ARG B 221 -6.98 14.86 -25.17
C ARG B 221 -8.06 14.44 -24.18
N LEU B 222 -7.68 13.66 -23.16
CA LEU B 222 -8.66 13.21 -22.17
C LEU B 222 -9.19 14.38 -21.34
N ILE B 223 -8.34 15.34 -20.98
CA ILE B 223 -8.76 16.44 -20.14
C ILE B 223 -9.69 17.38 -20.88
N LYS B 224 -9.39 17.66 -22.15
CA LYS B 224 -10.26 18.55 -22.93
C LYS B 224 -11.65 17.96 -23.08
N ASP B 225 -11.76 16.64 -23.16
CA ASP B 225 -13.07 16.01 -23.19
C ASP B 225 -13.81 16.20 -21.86
N ALA B 226 -13.11 15.99 -20.74
CA ALA B 226 -13.76 16.05 -19.44
C ALA B 226 -14.27 17.45 -19.13
N LEU B 227 -13.48 18.48 -19.46
CA LEU B 227 -13.89 19.85 -19.17
C LEU B 227 -15.10 20.27 -20.00
N GLY B 228 -15.20 19.78 -21.24
CA GLY B 228 -16.33 20.15 -22.08
C GLY B 228 -17.65 19.61 -21.57
N LYS B 229 -17.65 18.36 -21.10
CA LYS B 229 -18.91 17.72 -20.73
C LYS B 229 -19.46 18.27 -19.40
N ALA B 230 -18.59 18.47 -18.41
CA ALA B 230 -19.00 18.94 -17.09
C ALA B 230 -18.16 20.16 -16.73
N PRO B 231 -18.54 21.34 -17.20
CA PRO B 231 -17.72 22.53 -16.99
C PRO B 231 -18.07 23.32 -15.73
N ASN B 232 -18.84 22.72 -14.82
CA ASN B 232 -19.20 23.39 -13.58
C ASN B 232 -19.09 22.43 -12.40
N GLN B 233 -18.06 21.58 -12.40
CA GLN B 233 -17.81 20.65 -11.31
C GLN B 233 -16.48 20.99 -10.66
N THR B 234 -16.52 21.20 -9.34
CA THR B 234 -15.34 21.68 -8.63
C THR B 234 -14.21 20.66 -8.64
N ASP B 235 -14.55 19.37 -8.52
CA ASP B 235 -13.52 18.33 -8.44
C ASP B 235 -12.69 18.29 -9.72
N VAL B 236 -13.34 18.41 -10.88
CA VAL B 236 -12.62 18.34 -12.15
C VAL B 236 -11.73 19.56 -12.34
N LEU B 237 -12.22 20.73 -11.94
CA LEU B 237 -11.48 21.96 -12.18
C LEU B 237 -10.17 21.98 -11.40
N GLN B 238 -10.20 21.54 -10.14
CA GLN B 238 -8.96 21.51 -9.36
C GLN B 238 -7.95 20.54 -9.94
N LYS B 239 -8.40 19.36 -10.37
CA LYS B 239 -7.48 18.38 -10.95
C LYS B 239 -6.93 18.88 -12.28
N ALA B 240 -7.76 19.53 -13.10
CA ALA B 240 -7.29 20.05 -14.37
C ALA B 240 -6.24 21.14 -14.17
N ALA B 241 -6.45 22.03 -13.20
CA ALA B 241 -5.48 23.08 -12.92
C ALA B 241 -4.16 22.51 -12.42
N GLN B 242 -4.22 21.40 -11.68
CA GLN B 242 -3.00 20.74 -11.23
C GLN B 242 -2.20 20.19 -12.41
N PHE B 243 -2.89 19.66 -13.42
CA PHE B 243 -2.21 19.07 -14.55
C PHE B 243 -1.39 20.11 -15.30
N TYR B 244 -1.98 21.28 -15.55
CA TYR B 244 -1.26 22.34 -16.26
C TYR B 244 -0.11 22.88 -15.43
N LYS B 245 -0.28 22.96 -14.11
CA LYS B 245 0.82 23.38 -13.25
C LYS B 245 1.98 22.40 -13.35
N LYS B 246 1.69 21.10 -13.40
CA LYS B 246 2.75 20.10 -13.57
C LYS B 246 3.37 20.18 -14.96
N LYS B 247 2.57 20.50 -15.97
CA LYS B 247 3.07 20.58 -17.33
C LYS B 247 4.00 21.76 -17.54
N GLY B 248 3.71 22.91 -16.92
CA GLY B 248 4.60 24.05 -17.01
C GLY B 248 3.90 25.35 -17.35
N ASN B 249 2.58 25.31 -17.53
CA ASN B 249 1.80 26.49 -17.87
C ASN B 249 1.11 27.02 -16.62
N LEU B 250 1.55 28.17 -16.13
CA LEU B 250 0.94 28.78 -14.95
C LEU B 250 -0.20 29.74 -15.27
N ASP B 251 -0.22 30.32 -16.46
CA ASP B 251 -1.32 31.22 -16.81
C ASP B 251 -2.64 30.46 -16.85
N ARG B 252 -2.67 29.32 -17.55
CA ARG B 252 -3.90 28.56 -17.66
C ARG B 252 -4.31 27.95 -16.33
N ALA B 253 -3.33 27.56 -15.50
CA ALA B 253 -3.66 27.04 -14.18
C ALA B 253 -4.36 28.07 -13.32
N ILE B 254 -3.94 29.34 -13.42
CA ILE B 254 -4.58 30.40 -12.66
C ILE B 254 -6.03 30.57 -13.10
N GLU B 255 -6.29 30.55 -14.40
CA GLU B 255 -7.63 30.80 -14.90
C GLU B 255 -8.61 29.72 -14.44
N LEU B 256 -8.16 28.47 -14.41
CA LEU B 256 -9.04 27.38 -13.99
C LEU B 256 -9.41 27.50 -12.52
N LEU B 257 -8.45 27.84 -11.66
CA LEU B 257 -8.76 28.02 -10.25
C LEU B 257 -9.71 29.18 -10.02
N GLY B 258 -9.52 30.27 -10.75
CA GLY B 258 -10.44 31.39 -10.64
C GLY B 258 -11.86 31.02 -11.02
N LYS B 259 -12.01 30.14 -12.01
CA LYS B 259 -13.33 29.63 -12.36
C LYS B 259 -13.90 28.75 -11.25
N ALA B 260 -13.06 27.91 -10.66
CA ALA B 260 -13.52 27.01 -9.61
C ALA B 260 -13.93 27.78 -8.34
N LEU B 261 -13.25 28.89 -8.05
CA LEU B 261 -13.55 29.65 -6.85
C LEU B 261 -14.95 30.26 -6.90
N ARG B 262 -15.45 30.54 -8.10
CA ARG B 262 -16.77 31.13 -8.28
C ARG B 262 -17.84 30.09 -8.61
N SER B 263 -17.64 28.84 -8.18
CA SER B 263 -18.56 27.76 -8.50
C SER B 263 -19.62 27.55 -7.44
N THR B 264 -19.21 27.36 -6.18
CA THR B 264 -20.14 27.09 -5.09
C THR B 264 -20.03 28.18 -4.03
N VAL B 265 -20.94 28.13 -3.07
CA VAL B 265 -20.87 29.05 -1.93
C VAL B 265 -19.85 28.59 -0.90
N ASN B 266 -19.56 27.29 -0.84
CA ASN B 266 -18.53 26.75 0.06
C ASN B 266 -17.17 26.82 -0.62
N ASN B 267 -16.69 28.06 -0.77
CA ASN B 267 -15.41 28.32 -1.41
C ASN B 267 -14.28 28.62 -0.43
N SER B 268 -14.48 28.36 0.86
CA SER B 268 -13.44 28.65 1.84
C SER B 268 -12.15 27.86 1.63
N PRO B 269 -12.16 26.54 1.40
CA PRO B 269 -10.87 25.83 1.21
C PRO B 269 -10.09 26.31 -0.01
N LEU B 270 -10.75 26.87 -1.01
CA LEU B 270 -10.07 27.22 -2.24
C LEU B 270 -9.26 28.50 -2.10
N TYR B 271 -9.52 29.28 -1.05
CA TYR B 271 -8.82 30.55 -0.86
C TYR B 271 -7.32 30.35 -0.66
N SER B 272 -6.95 29.32 0.11
CA SER B 272 -5.54 29.07 0.36
C SER B 272 -4.79 28.66 -0.90
N LEU B 273 -5.44 27.89 -1.78
CA LEU B 273 -4.76 27.41 -2.98
C LEU B 273 -4.46 28.55 -3.94
N VAL B 274 -5.46 29.40 -4.21
CA VAL B 274 -5.28 30.48 -5.17
C VAL B 274 -4.25 31.48 -4.67
N MET B 275 -4.27 31.77 -3.36
CA MET B 275 -3.35 32.76 -2.80
C MET B 275 -1.90 32.35 -3.01
N CYS B 276 -1.59 31.06 -2.83
CA CYS B 276 -0.23 30.60 -3.01
C CYS B 276 0.24 30.74 -4.45
N ARG B 277 -0.67 30.51 -5.41
CA ARG B 277 -0.27 30.51 -6.82
C ARG B 277 0.13 31.90 -7.30
N TYR B 278 -0.59 32.94 -6.86
CA TYR B 278 -0.19 34.30 -7.23
C TYR B 278 1.18 34.64 -6.68
N ARG B 279 1.51 34.17 -5.48
CA ARG B 279 2.83 34.44 -4.92
C ARG B 279 3.91 33.78 -5.76
N GLU B 280 3.64 32.59 -6.28
CA GLU B 280 4.64 31.89 -7.09
C GLU B 280 4.89 32.62 -8.42
N ILE B 281 3.83 33.09 -9.07
CA ILE B 281 4.02 33.74 -10.37
C ILE B 281 4.69 35.10 -10.20
N LEU B 282 4.35 35.84 -9.15
CA LEU B 282 4.95 37.15 -8.93
C LEU B 282 6.43 37.03 -8.63
N GLU B 283 6.82 36.03 -7.84
CA GLU B 283 8.23 35.81 -7.54
C GLU B 283 9.01 35.44 -8.81
N GLN B 284 8.37 34.73 -9.74
CA GLN B 284 9.04 34.36 -10.98
C GLN B 284 9.39 35.59 -11.83
N LEU B 285 8.49 36.57 -11.87
CA LEU B 285 8.71 37.73 -12.73
C LEU B 285 9.83 38.63 -12.21
N GLN B 286 10.21 38.52 -10.94
CA GLN B 286 11.42 39.17 -10.47
C GLN B 286 12.66 38.63 -11.18
N ASN B 287 12.69 37.31 -11.42
CA ASN B 287 13.83 36.71 -12.09
C ASN B 287 13.98 37.21 -13.52
N LYS B 288 12.85 37.55 -14.15
CA LYS B 288 12.89 38.01 -15.57
C LYS B 288 13.17 39.51 -15.62
N GLY B 289 13.62 40.09 -14.49
CA GLY B 289 13.97 41.53 -14.44
C GLY B 289 12.77 42.42 -14.71
N ASP B 290 11.57 41.84 -14.72
CA ASP B 290 10.33 42.62 -14.97
C ASP B 290 9.87 43.22 -13.65
N ALA B 291 10.61 44.22 -13.14
CA ALA B 291 10.23 44.88 -11.87
C ALA B 291 8.89 45.61 -12.00
N ASP B 292 8.67 46.31 -13.12
CA ASP B 292 7.36 46.98 -13.36
C ASP B 292 6.78 46.60 -14.72
N SER B 293 5.52 46.18 -14.77
CA SER B 293 4.83 45.93 -16.06
C SER B 293 3.33 46.19 -15.90
N SER B 294 2.63 46.49 -16.98
CA SER B 294 1.15 46.60 -16.87
C SER B 294 0.67 45.21 -16.44
N GLU B 295 1.35 44.15 -16.89
CA GLU B 295 1.01 42.76 -16.50
C GLU B 295 1.41 42.49 -15.03
N ARG B 296 2.58 42.97 -14.59
CA ARG B 296 2.94 42.78 -13.16
C ARG B 296 1.94 43.50 -12.26
N ARG B 297 1.52 44.71 -12.63
CA ARG B 297 0.45 45.42 -11.87
C ARG B 297 -0.84 44.63 -11.97
N GLN B 298 -1.14 44.09 -13.16
CA GLN B 298 -2.40 43.32 -13.39
C GLN B 298 -2.44 42.10 -12.47
N ARG B 299 -1.33 41.75 -11.82
CA ARG B 299 -1.41 40.66 -10.85
C ARG B 299 -1.43 41.17 -9.42
N MET B 300 -0.66 42.24 -9.14
CA MET B 300 -0.56 42.72 -7.77
C MET B 300 -1.90 43.24 -7.26
N ALA B 301 -2.67 43.88 -8.14
CA ALA B 301 -3.98 44.41 -7.73
C ALA B 301 -4.93 43.28 -7.33
N GLU B 302 -4.92 42.18 -8.08
CA GLU B 302 -5.80 41.06 -7.77
C GLU B 302 -5.47 40.46 -6.41
N LEU B 303 -4.18 40.29 -6.11
CA LEU B 303 -3.80 39.76 -4.81
C LEU B 303 -4.19 40.71 -3.68
N ARG B 304 -4.29 42.01 -3.98
CA ARG B 304 -4.71 42.97 -2.97
C ARG B 304 -6.16 42.75 -2.56
N ARG B 305 -7.05 42.53 -3.53
CA ARG B 305 -8.47 42.41 -3.21
C ARG B 305 -8.80 41.07 -2.57
N LEU B 306 -8.08 40.01 -2.97
CA LEU B 306 -8.34 38.69 -2.37
C LEU B 306 -7.97 38.67 -0.91
N THR B 307 -6.86 39.33 -0.54
CA THR B 307 -6.43 39.34 0.85
C THR B 307 -7.46 40.00 1.75
N MET B 308 -8.04 41.11 1.31
CA MET B 308 -9.08 41.77 2.08
C MET B 308 -10.34 40.92 2.16
N GLU B 309 -10.72 40.28 1.05
CA GLU B 309 -11.96 39.49 1.03
C GLU B 309 -11.86 38.29 1.96
N PHE B 310 -10.72 37.58 1.94
CA PHE B 310 -10.57 36.43 2.83
C PHE B 310 -10.57 36.86 4.29
N MET B 311 -9.87 37.96 4.60
CA MET B 311 -9.81 38.44 5.97
C MET B 311 -11.17 38.89 6.47
N GLN B 312 -11.95 39.56 5.60
CA GLN B 312 -13.31 39.93 5.95
C GLN B 312 -14.17 38.69 6.16
N LYS B 313 -13.97 37.67 5.35
CA LYS B 313 -14.79 36.45 5.45
C LYS B 313 -14.55 35.75 6.79
N THR B 314 -13.30 35.73 7.26
CA THR B 314 -12.99 35.02 8.50
C THR B 314 -13.67 35.64 9.70
N LEU B 315 -13.67 36.98 9.78
CA LEU B 315 -14.25 37.65 10.95
C LEU B 315 -15.75 37.38 11.08
N GLN B 316 -16.48 37.42 9.97
CA GLN B 316 -17.92 37.16 9.98
C GLN B 316 -18.13 35.65 9.89
N ARG B 317 -17.95 34.98 11.03
CA ARG B 317 -18.17 33.55 11.13
C ARG B 317 -18.47 33.21 12.58
N ARG B 318 -19.40 32.26 12.77
CA ARG B 318 -19.73 31.80 14.11
C ARG B 318 -18.53 31.11 14.74
N ARG B 319 -18.33 31.36 16.04
CA ARG B 319 -17.22 30.77 16.77
C ARG B 319 -17.57 29.36 17.22
N SER B 320 -16.71 28.41 16.85
CA SER B 320 -16.90 27.00 17.18
C SER B 320 -15.52 26.37 17.34
N PRO B 321 -15.44 25.23 18.05
CA PRO B 321 -14.13 24.58 18.22
C PRO B 321 -13.46 24.20 16.90
N LEU B 322 -14.22 23.76 15.91
CA LEU B 322 -13.63 23.38 14.64
C LEU B 322 -13.23 24.57 13.80
N ASN B 323 -13.99 25.67 13.89
CA ASN B 323 -13.62 26.88 13.16
C ASN B 323 -12.31 27.46 13.68
N SER B 324 -12.12 27.46 15.00
CA SER B 324 -10.88 27.99 15.58
C SER B 324 -9.68 27.13 15.18
N TYR B 325 -9.86 25.81 15.17
CA TYR B 325 -8.75 24.92 14.83
C TYR B 325 -8.30 25.14 13.39
N SER B 326 -9.24 25.34 12.48
CA SER B 326 -8.90 25.55 11.07
C SER B 326 -8.34 26.95 10.82
N ASP B 327 -8.74 27.93 11.64
CA ASP B 327 -8.26 29.29 11.45
C ASP B 327 -6.77 29.40 11.71
N LEU B 328 -6.27 28.69 12.73
CA LEU B 328 -4.86 28.77 13.08
C LEU B 328 -3.98 28.20 11.98
N ILE B 329 -4.51 27.27 11.18
CA ILE B 329 -3.71 26.66 10.11
C ILE B 329 -3.44 27.65 8.99
N ASP B 330 -4.44 28.44 8.62
CA ASP B 330 -4.31 29.37 7.51
C ASP B 330 -3.63 30.69 7.90
N PHE B 331 -3.38 30.91 9.18
CA PHE B 331 -2.76 32.16 9.61
C PHE B 331 -1.37 32.37 9.02
N PRO B 332 -0.44 31.40 9.04
CA PRO B 332 0.88 31.66 8.48
C PRO B 332 0.86 32.05 7.01
N GLU B 333 -0.03 31.47 6.21
CA GLU B 333 -0.04 31.77 4.78
C GLU B 333 -0.59 33.16 4.50
N VAL B 334 -1.71 33.52 5.14
CA VAL B 334 -2.32 34.81 4.85
C VAL B 334 -1.43 35.95 5.34
N GLU B 335 -0.68 35.74 6.42
CA GLU B 335 0.21 36.78 6.91
C GLU B 335 1.33 37.08 5.92
N ARG B 336 1.92 36.05 5.32
CA ARG B 336 3.05 36.26 4.44
C ARG B 336 2.66 37.09 3.22
N CYS B 337 1.47 36.86 2.68
CA CYS B 337 1.03 37.66 1.53
C CYS B 337 0.72 39.09 1.94
N TYR B 338 0.50 39.35 3.23
CA TYR B 338 0.10 40.69 3.66
C TYR B 338 1.23 41.69 3.46
N GLN B 339 2.43 41.39 3.96
CA GLN B 339 3.53 42.33 3.78
C GLN B 339 3.96 42.44 2.32
N MET B 340 3.75 41.38 1.55
CA MET B 340 4.22 41.38 0.16
C MET B 340 3.38 42.29 -0.73
N VAL B 341 2.07 42.36 -0.49
CA VAL B 341 1.15 42.97 -1.43
C VAL B 341 0.90 44.44 -1.11
N ILE B 342 0.77 44.81 0.17
CA ILE B 342 0.26 46.12 0.54
C ILE B 342 1.30 46.94 1.29
N SER B 343 2.08 46.33 2.18
CA SER B 343 3.01 47.13 2.97
C SER B 343 4.14 47.71 2.12
N LYS B 344 4.42 47.09 0.98
CA LYS B 344 5.51 47.54 0.10
C LYS B 344 5.00 48.52 -0.95
N GLU B 345 3.83 48.26 -1.54
CA GLU B 345 3.34 49.10 -2.61
C GLU B 345 3.04 50.52 -2.12
N SER B 346 2.40 50.64 -0.97
CA SER B 346 2.01 51.94 -0.44
C SER B 346 1.84 51.81 1.06
N PRO B 347 1.90 52.91 1.80
CA PRO B 347 1.56 52.85 3.23
C PRO B 347 0.15 52.33 3.44
N ASP B 348 0.00 51.45 4.42
CA ASP B 348 -1.32 50.90 4.71
C ASP B 348 -2.27 51.96 5.22
N VAL B 349 -3.50 51.94 4.70
CA VAL B 349 -4.54 52.84 5.20
C VAL B 349 -4.91 52.37 6.61
N GLU B 350 -4.86 53.28 7.58
CA GLU B 350 -5.15 52.89 8.95
C GLU B 350 -6.65 52.67 9.15
N GLU B 351 -7.48 53.53 8.56
CA GLU B 351 -8.91 53.48 8.84
C GLU B 351 -9.60 52.29 8.19
N GLU B 352 -8.99 51.66 7.20
CA GLU B 352 -9.65 50.54 6.54
C GLU B 352 -9.61 49.28 7.42
N ASP B 353 -8.59 49.17 8.27
CA ASP B 353 -8.47 48.08 9.26
C ASP B 353 -8.47 46.74 8.54
N LEU B 354 -9.36 45.81 8.90
CA LEU B 354 -9.25 44.39 8.56
C LEU B 354 -7.93 43.79 9.03
N TYR B 355 -7.20 44.50 9.88
CA TYR B 355 -5.94 44.03 10.44
C TYR B 355 -5.79 44.63 11.82
N GLU B 356 -5.04 43.94 12.68
CA GLU B 356 -4.88 44.28 14.09
C GLU B 356 -6.17 43.98 14.84
N ARG B 357 -7.22 43.63 14.09
CA ARG B 357 -8.41 42.99 14.62
C ARG B 357 -8.44 41.51 14.28
N TYR B 358 -8.05 41.17 13.05
CA TYR B 358 -7.84 39.77 12.68
C TYR B 358 -6.73 39.17 13.53
N CYS B 359 -5.63 39.92 13.71
CA CYS B 359 -4.56 39.46 14.58
C CYS B 359 -5.03 39.31 16.02
N ASN B 360 -5.88 40.22 16.47
CA ASN B 360 -6.43 40.11 17.83
C ASN B 360 -7.27 38.85 17.97
N LEU B 361 -8.00 38.48 16.91
CA LEU B 361 -8.78 37.24 16.95
C LEU B 361 -7.88 36.03 17.08
N GLN B 362 -6.70 36.06 16.43
CA GLN B 362 -5.80 34.92 16.49
C GLN B 362 -5.31 34.67 17.91
N GLU B 363 -5.00 35.73 18.65
CA GLU B 363 -4.56 35.57 20.04
C GLU B 363 -5.66 34.95 20.89
N TYR B 364 -6.90 35.35 20.65
CA TYR B 364 -8.02 34.79 21.42
C TYR B 364 -8.28 33.33 21.08
N HIS B 365 -7.87 32.88 19.89
CA HIS B 365 -8.07 31.48 19.52
C HIS B 365 -7.28 30.55 20.44
N ARG B 366 -6.04 30.91 20.76
CA ARG B 366 -5.20 30.05 21.58
C ARG B 366 -5.72 29.93 23.01
N LYS B 367 -6.34 30.98 23.53
CA LYS B 367 -6.82 30.97 24.91
C LYS B 367 -8.14 30.23 25.08
N SER B 368 -8.79 29.84 23.98
CA SER B 368 -10.11 29.22 24.07
C SER B 368 -10.03 27.89 24.80
N GLU B 369 -10.95 27.69 25.75
CA GLU B 369 -11.01 26.44 26.50
C GLU B 369 -11.64 25.32 25.68
N ASP B 370 -12.65 25.66 24.87
CA ASP B 370 -13.37 24.63 24.11
C ASP B 370 -12.46 23.90 23.13
N LEU B 371 -11.51 24.61 22.53
CA LEU B 371 -10.56 23.94 21.63
C LEU B 371 -9.70 22.94 22.40
N ALA B 372 -9.29 23.28 23.62
CA ALA B 372 -8.46 22.38 24.41
C ALA B 372 -9.20 21.09 24.74
N ALA B 373 -10.48 21.19 25.06
CA ALA B 373 -11.26 19.99 25.36
C ALA B 373 -11.39 19.09 24.15
N LEU B 374 -11.61 19.66 22.97
CA LEU B 374 -11.79 18.86 21.77
C LEU B 374 -10.52 18.10 21.41
N GLU B 375 -9.36 18.76 21.51
CA GLU B 375 -8.11 18.09 21.15
C GLU B 375 -7.81 16.91 22.06
N CYS B 376 -8.17 17.00 23.33
CA CYS B 376 -7.93 15.88 24.24
C CYS B 376 -8.75 14.66 23.85
N LEU B 377 -10.02 14.86 23.49
CA LEU B 377 -10.85 13.74 23.07
C LEU B 377 -10.32 13.11 21.79
N LEU B 378 -9.91 13.93 20.83
CA LEU B 378 -9.39 13.43 19.56
C LEU B 378 -7.91 13.03 19.65
N GLN B 379 -7.26 13.32 20.78
CA GLN B 379 -5.85 12.98 21.01
C GLN B 379 -4.92 13.61 19.99
N PHE B 380 -5.23 14.82 19.55
CA PHE B 380 -4.34 15.55 18.64
C PHE B 380 -3.22 16.21 19.43
N PRO B 381 -1.96 15.93 19.12
CA PRO B 381 -0.86 16.58 19.82
C PRO B 381 -0.84 18.08 19.53
N ARG B 382 -0.41 18.85 20.52
CA ARG B 382 -0.36 20.30 20.40
C ARG B 382 0.92 20.72 19.68
#